data_7KYO
#
_entry.id   7KYO
#
_cell.length_a   126.660
_cell.length_b   241.700
_cell.length_c   98.330
_cell.angle_alpha   90.00
_cell.angle_beta   90.00
_cell.angle_gamma   90.00
#
_symmetry.space_group_name_H-M   'C 2 2 21'
#
loop_
_entity.id
_entity.type
_entity.pdbx_description
1 polymer 'Manganese ABC transporter, ATP-binding protein'
2 polymer 'Fab heavy chain'
3 polymer 'Fab light chain'
4 polymer 'Manganese ABC transporter, permease protein'
5 water water
#
loop_
_entity_poly.entity_id
_entity_poly.type
_entity_poly.pdbx_seq_one_letter_code
_entity_poly.pdbx_strand_id
1 'polypeptide(L)'
;MIRIENLSVSYKETLALKDISLVLHGPTITGIIGPNGAGKSTLLKGMLGIIPHQGQAFLDDKEVKKSLHRIAYVEQKINI
DYNFPIKVKECVSLGLFPSIPLFRSLKAKHWKKVQEALEIVGLADYAERQISQLSGGQFQRVLIARCLVQEADYILLDEP
FAGIDSVSEEIIMNTLRDLKKAGKTVLIVHHDLSKIPHYFDQVLLVNREVIAFGPTKETFTETNLKEAYGNQLFFNGGDL
;
B
2 'polypeptide(L)'
;EVMLVESGGGLVKPGGSLKLSCAASGITFSSYAMSWVRQTPEKRLEWVASISSGGSTYYPDSVKGRFTISRDNARNILYL
QMSSLRSEDTAMYYCARGPMALLYYRGFDYWGQGTTLTVSSAKTTAPSVYPLAPVCGDTTGSSVTLGCLVKGYFPEPVTL
TWNSGSLSSGVHTFPAVLQSDLYTLSSSVTVTSSTWPSQSITCNVAHPASSTKVDKKIEPRGPTIKPCPPCKCP
;
H
3 'polypeptide(L)'
;DIVMTQSPASLAVSLGQRATISCKASQSVDYDGDSYMNWYQQKPGQPPQLLIYAASNLESGIPARFSGSGSGTDFTLNIH
PVEEEDAATYYCQQSNEDPWTFGGGTNLEIKRADAAPTVSIFPPSSEQLTSGGASVVCFLNNFYPKDINVKWKIDGSERQ
NGVLNSWTNQDSKDSTYSMSSTLTLTKDEYERHNSYTCEATHKTSTSPIVKSFNRNEC
;
L
4 'polypeptide(L)'
;MIAEFIDGLQKFHFLQNALITAIVVGIVAGAVGCFIILRGMSLMGDAISHAVLPGVALSFILGLDFFIGAIVFGLLAAII
ITYIKGNSIIKSDTAIGITSSSFLALGIILIGVAKSSTDLFHILFGNILAVQDTDMFITMGVGAAILLLIWIFFKQLLIT
SFDELLAKAMGMPVNFYHYLLMVLLTLVSVTAMQSVGTILIVAMLITPAATAYLYANSLKSMIFLSSTFGATASVLGLFI
GYSFNVAAGSSIVLTAASFFLISFFIAPKQRYLKLKNKHLLK
;
C
#
# COMPACT_ATOMS: atom_id res chain seq x y z
N MET A 1 11.45 -3.14 -12.06
CA MET A 1 11.90 -3.15 -13.48
C MET A 1 11.09 -4.15 -14.30
N ILE A 2 10.11 -3.64 -15.06
CA ILE A 2 9.37 -4.44 -16.05
C ILE A 2 10.15 -4.41 -17.35
N ARG A 3 10.33 -5.59 -17.95
CA ARG A 3 11.11 -5.75 -19.18
C ARG A 3 10.36 -6.63 -20.17
N ILE A 4 9.87 -6.02 -21.26
CA ILE A 4 9.16 -6.75 -22.31
C ILE A 4 10.13 -7.00 -23.47
N GLU A 5 10.12 -8.22 -24.02
CA GLU A 5 10.99 -8.61 -25.12
C GLU A 5 10.17 -9.23 -26.25
N ASN A 6 10.01 -8.49 -27.34
CA ASN A 6 9.36 -8.97 -28.57
C ASN A 6 8.01 -9.65 -28.34
N LEU A 7 7.15 -8.95 -27.61
CA LEU A 7 5.80 -9.44 -27.31
C LEU A 7 4.90 -9.16 -28.51
N SER A 8 4.11 -10.17 -28.89
CA SER A 8 3.11 -10.02 -29.96
C SER A 8 1.86 -10.82 -29.61
N VAL A 9 0.70 -10.30 -30.01
CA VAL A 9 -0.59 -10.94 -29.75
C VAL A 9 -1.43 -10.94 -31.02
N SER A 10 -1.68 -12.13 -31.57
CA SER A 10 -2.56 -12.31 -32.71
C SER A 10 -4.01 -12.46 -32.22
N TYR A 11 -4.94 -12.45 -33.16
CA TYR A 11 -6.35 -12.79 -32.88
C TYR A 11 -7.03 -13.50 -34.05
N LYS A 12 -7.36 -12.75 -35.10
CA LYS A 12 -8.04 -13.28 -36.28
C LYS A 12 -7.17 -13.07 -37.51
N GLU A 13 -6.01 -13.73 -37.51
CA GLU A 13 -4.98 -13.58 -38.55
C GLU A 13 -4.47 -12.14 -38.63
N THR A 14 -4.41 -11.48 -37.48
CA THR A 14 -4.11 -10.04 -37.37
C THR A 14 -3.40 -9.75 -36.06
N LEU A 15 -2.18 -9.21 -36.14
CA LEU A 15 -1.39 -8.89 -34.95
C LEU A 15 -1.90 -7.60 -34.30
N ALA A 16 -2.64 -7.77 -33.20
CA ALA A 16 -3.10 -6.63 -32.38
C ALA A 16 -1.95 -5.95 -31.64
N LEU A 17 -0.90 -6.70 -31.35
CA LEU A 17 0.38 -6.17 -30.90
C LEU A 17 1.51 -6.76 -31.73
N LYS A 18 2.49 -5.93 -32.10
CA LYS A 18 3.58 -6.32 -33.00
C LYS A 18 4.93 -5.86 -32.43
N ASP A 19 5.74 -6.84 -31.98
CA ASP A 19 7.09 -6.59 -31.44
C ASP A 19 7.14 -5.45 -30.42
N ILE A 20 6.53 -5.69 -29.26
CA ILE A 20 6.58 -4.73 -28.17
C ILE A 20 7.85 -5.02 -27.38
N SER A 21 8.68 -3.99 -27.19
CA SER A 21 9.93 -4.10 -26.45
C SER A 21 10.18 -2.84 -25.62
N LEU A 22 10.13 -2.99 -24.29
CA LEU A 22 10.24 -1.86 -23.35
C LEU A 22 11.06 -2.24 -22.13
N VAL A 23 11.60 -1.23 -21.47
CA VAL A 23 12.16 -1.36 -20.12
C VAL A 23 11.54 -0.24 -19.28
N LEU A 24 10.64 -0.61 -18.38
CA LEU A 24 9.95 0.34 -17.49
C LEU A 24 10.61 0.33 -16.12
N HIS A 25 11.19 1.45 -15.72
CA HIS A 25 11.81 1.60 -14.39
C HIS A 25 10.87 2.29 -13.42
N GLY A 26 10.84 1.80 -12.18
CA GLY A 26 10.11 2.45 -11.07
C GLY A 26 11.08 3.14 -10.11
N PRO A 27 10.59 3.83 -9.08
CA PRO A 27 9.16 4.01 -8.80
C PRO A 27 8.48 4.94 -9.80
N THR A 28 7.21 4.65 -10.11
CA THR A 28 6.51 5.38 -11.16
C THR A 28 5.00 5.12 -11.19
N ILE A 29 4.26 6.12 -11.69
CA ILE A 29 2.90 5.96 -12.20
C ILE A 29 2.98 6.26 -13.70
N THR A 30 2.89 5.24 -14.55
CA THR A 30 2.93 5.45 -16.01
C THR A 30 1.59 5.18 -16.68
N GLY A 31 1.25 6.02 -17.65
CA GLY A 31 0.01 5.91 -18.41
C GLY A 31 0.22 5.28 -19.77
N ILE A 32 -0.53 4.23 -20.09
CA ILE A 32 -0.53 3.65 -21.43
C ILE A 32 -1.70 4.30 -22.16
N ILE A 33 -1.38 5.06 -23.21
CA ILE A 33 -2.39 5.80 -23.98
C ILE A 33 -2.38 5.42 -25.46
N GLY A 34 -3.44 5.80 -26.17
CA GLY A 34 -3.60 5.48 -27.58
C GLY A 34 -5.06 5.27 -27.93
N PRO A 35 -5.34 4.97 -29.22
CA PRO A 35 -6.73 4.72 -29.64
C PRO A 35 -7.38 3.55 -28.90
N ASN A 36 -8.68 3.66 -28.65
CA ASN A 36 -9.45 2.59 -28.04
C ASN A 36 -9.47 1.38 -28.97
N GLY A 37 -9.36 0.18 -28.39
CA GLY A 37 -9.34 -1.07 -29.13
C GLY A 37 -8.04 -1.39 -29.88
N ALA A 38 -7.00 -0.58 -29.68
CA ALA A 38 -5.76 -0.67 -30.47
C ALA A 38 -4.56 -1.24 -29.69
N GLY A 39 -4.82 -2.13 -28.74
CA GLY A 39 -3.76 -2.92 -28.10
C GLY A 39 -3.24 -2.48 -26.74
N LYS A 40 -3.63 -1.29 -26.27
CA LYS A 40 -3.19 -0.81 -24.95
C LYS A 40 -3.70 -1.68 -23.79
N SER A 41 -4.97 -2.11 -23.88
CA SER A 41 -5.54 -3.01 -22.87
C SER A 41 -4.99 -4.43 -22.96
N THR A 42 -4.80 -4.94 -24.18
CA THR A 42 -4.28 -6.30 -24.39
C THR A 42 -2.79 -6.43 -24.05
N LEU A 43 -2.05 -5.31 -24.02
CA LEU A 43 -0.66 -5.30 -23.58
C LEU A 43 -0.52 -5.78 -22.14
N LEU A 44 -1.42 -5.33 -21.26
CA LEU A 44 -1.44 -5.78 -19.86
C LEU A 44 -1.76 -7.28 -19.77
N LYS A 45 -2.70 -7.73 -20.59
CA LYS A 45 -3.09 -9.15 -20.64
C LYS A 45 -2.02 -10.04 -21.25
N GLY A 46 -1.27 -9.51 -22.22
CA GLY A 46 -0.11 -10.18 -22.78
C GLY A 46 1.06 -10.30 -21.81
N MET A 47 1.28 -9.24 -21.02
CA MET A 47 2.28 -9.26 -19.94
C MET A 47 2.02 -10.34 -18.91
N LEU A 48 0.77 -10.47 -18.47
CA LEU A 48 0.41 -11.44 -17.45
C LEU A 48 0.33 -12.89 -17.97
N GLY A 49 0.22 -13.07 -19.27
CA GLY A 49 0.06 -14.39 -19.88
C GLY A 49 -1.35 -14.93 -19.72
N ILE A 50 -2.33 -14.02 -19.61
CA ILE A 50 -3.74 -14.38 -19.51
C ILE A 50 -4.25 -14.85 -20.86
N ILE A 51 -4.00 -14.04 -21.89
CA ILE A 51 -4.27 -14.39 -23.29
C ILE A 51 -3.02 -14.99 -23.93
N PRO A 52 -3.17 -15.73 -25.05
CA PRO A 52 -1.98 -16.25 -25.74
C PRO A 52 -1.15 -15.13 -26.37
N HIS A 53 0.17 -15.26 -26.28
CA HIS A 53 1.12 -14.25 -26.78
C HIS A 53 2.38 -14.91 -27.34
N GLN A 54 3.18 -14.13 -28.06
CA GLN A 54 4.34 -14.63 -28.80
C GLN A 54 5.61 -13.89 -28.40
N GLY A 55 5.92 -13.91 -27.11
CA GLY A 55 7.13 -13.29 -26.58
C GLY A 55 7.34 -13.57 -25.10
N GLN A 56 8.19 -12.76 -24.47
CA GLN A 56 8.47 -12.88 -23.03
C GLN A 56 8.30 -11.53 -22.34
N ALA A 57 8.03 -11.59 -21.04
CA ALA A 57 7.99 -10.40 -20.17
C ALA A 57 8.59 -10.78 -18.82
N PHE A 58 9.30 -9.84 -18.19
CA PHE A 58 10.07 -10.11 -16.96
C PHE A 58 9.83 -9.08 -15.87
N LEU A 59 10.09 -9.50 -14.63
CA LEU A 59 10.09 -8.63 -13.44
C LEU A 59 11.38 -8.87 -12.65
N ASP A 60 12.35 -7.95 -12.81
CA ASP A 60 13.62 -7.99 -12.08
C ASP A 60 14.40 -9.30 -12.31
N ASP A 61 14.67 -9.60 -13.58
CA ASP A 61 15.34 -10.85 -13.99
C ASP A 61 14.64 -12.13 -13.49
N LYS A 62 13.31 -12.11 -13.54
CA LYS A 62 12.49 -13.30 -13.32
C LYS A 62 11.26 -13.21 -14.20
N GLU A 63 10.86 -14.34 -14.79
CA GLU A 63 9.81 -14.36 -15.81
C GLU A 63 8.44 -14.07 -15.18
N VAL A 64 7.69 -13.18 -15.82
CA VAL A 64 6.38 -12.69 -15.34
C VAL A 64 5.37 -13.80 -14.99
N LYS A 65 5.34 -14.86 -15.78
CA LYS A 65 4.43 -15.98 -15.58
C LYS A 65 4.79 -16.79 -14.32
N LYS A 66 6.08 -16.88 -14.03
CA LYS A 66 6.59 -17.59 -12.84
C LYS A 66 6.60 -16.75 -11.56
N SER A 67 6.26 -15.45 -11.65
CA SER A 67 6.23 -14.56 -10.49
C SER A 67 5.00 -13.65 -10.49
N LEU A 68 3.81 -14.27 -10.59
CA LEU A 68 2.54 -13.54 -10.56
C LEU A 68 2.14 -13.02 -9.17
N HIS A 69 2.69 -13.62 -8.11
CA HIS A 69 2.46 -13.16 -6.73
C HIS A 69 2.97 -11.72 -6.45
N ARG A 70 3.92 -11.24 -7.24
CA ARG A 70 4.47 -9.89 -7.12
C ARG A 70 3.68 -8.79 -7.85
N ILE A 71 2.57 -9.17 -8.51
CA ILE A 71 1.84 -8.26 -9.39
C ILE A 71 0.33 -8.40 -9.17
N ALA A 72 -0.37 -7.27 -9.23
CA ALA A 72 -1.83 -7.23 -9.08
C ALA A 72 -2.45 -6.60 -10.33
N TYR A 73 -3.55 -7.21 -10.79
CA TYR A 73 -4.26 -6.76 -11.99
C TYR A 73 -5.66 -6.28 -11.61
N VAL A 74 -5.90 -4.99 -11.82
CA VAL A 74 -7.24 -4.40 -11.63
C VAL A 74 -7.90 -4.30 -13.01
N GLU A 75 -8.82 -5.22 -13.29
CA GLU A 75 -9.50 -5.26 -14.58
C GLU A 75 -10.53 -4.15 -14.71
N GLN A 76 -11.11 -4.05 -15.90
CA GLN A 76 -12.21 -3.13 -16.15
C GLN A 76 -13.43 -3.65 -15.43
N LYS A 77 -14.04 -2.81 -14.59
CA LYS A 77 -15.27 -3.17 -13.87
C LYS A 77 -16.50 -3.48 -14.75
N ILE A 78 -16.37 -3.31 -16.07
CA ILE A 78 -17.44 -3.61 -17.01
C ILE A 78 -17.63 -5.13 -17.21
N ASN A 79 -16.58 -5.93 -17.02
CA ASN A 79 -16.68 -7.41 -17.14
C ASN A 79 -16.75 -8.16 -15.80
N ILE A 80 -17.30 -7.52 -14.77
CA ILE A 80 -17.64 -8.16 -13.51
C ILE A 80 -19.15 -8.13 -13.35
N ASP A 81 -19.74 -9.26 -12.98
CA ASP A 81 -21.17 -9.34 -12.73
C ASP A 81 -21.46 -8.69 -11.38
N TYR A 82 -22.11 -7.52 -11.43
CA TYR A 82 -22.48 -6.73 -10.24
CA TYR A 82 -22.43 -6.77 -10.22
C TYR A 82 -23.54 -7.45 -9.40
N ASN A 83 -24.39 -8.24 -10.06
CA ASN A 83 -25.47 -8.98 -9.38
C ASN A 83 -25.06 -10.33 -8.76
N PHE A 84 -23.77 -10.68 -8.84
CA PHE A 84 -23.23 -11.84 -8.12
C PHE A 84 -23.40 -11.62 -6.62
N PRO A 85 -23.84 -12.64 -5.86
CA PRO A 85 -24.07 -12.42 -4.42
C PRO A 85 -22.76 -12.38 -3.64
N ILE A 86 -22.26 -11.18 -3.41
CA ILE A 86 -20.98 -10.98 -2.72
C ILE A 86 -20.93 -9.58 -2.08
N LYS A 87 -20.42 -9.53 -0.85
CA LYS A 87 -20.30 -8.29 -0.09
C LYS A 87 -19.00 -7.58 -0.42
N VAL A 88 -18.92 -6.30 -0.04
CA VAL A 88 -17.72 -5.49 -0.25
C VAL A 88 -16.53 -6.09 0.50
N LYS A 89 -16.74 -6.45 1.77
CA LYS A 89 -15.74 -7.09 2.62
C LYS A 89 -15.20 -8.38 1.97
N GLU A 90 -16.12 -9.23 1.52
CA GLU A 90 -15.75 -10.50 0.85
C GLU A 90 -15.04 -10.25 -0.49
N CYS A 91 -15.50 -9.25 -1.24
CA CYS A 91 -14.89 -8.90 -2.53
C CYS A 91 -13.42 -8.48 -2.37
N VAL A 92 -13.14 -7.63 -1.38
CA VAL A 92 -11.78 -7.20 -1.08
C VAL A 92 -10.90 -8.37 -0.61
N SER A 93 -11.49 -9.30 0.15
CA SER A 93 -10.75 -10.47 0.66
C SER A 93 -10.27 -11.45 -0.44
N LEU A 94 -10.84 -11.33 -1.65
CA LEU A 94 -10.40 -12.12 -2.82
C LEU A 94 -8.93 -11.90 -3.20
N GLY A 95 -8.38 -10.73 -2.88
CA GLY A 95 -6.96 -10.44 -3.09
C GLY A 95 -6.02 -11.36 -2.31
N LEU A 96 -6.47 -11.83 -1.16
CA LEU A 96 -5.69 -12.73 -0.29
C LEU A 96 -5.92 -14.23 -0.54
N PHE A 97 -6.73 -14.58 -1.55
CA PHE A 97 -7.05 -15.98 -1.86
C PHE A 97 -5.87 -16.84 -2.34
N PRO A 98 -4.88 -16.26 -3.05
CA PRO A 98 -3.67 -17.06 -3.34
C PRO A 98 -2.77 -17.30 -2.10
N SER A 99 -2.77 -16.35 -1.16
CA SER A 99 -1.96 -16.43 0.05
C SER A 99 -2.33 -17.64 0.94
N ILE A 100 -3.63 -17.89 1.07
CA ILE A 100 -4.12 -19.04 1.88
C ILE A 100 -3.79 -20.38 1.20
N PRO A 101 -3.31 -21.38 1.98
CA PRO A 101 -3.17 -22.76 1.45
C PRO A 101 -4.51 -23.47 1.21
N LEU A 102 -4.45 -24.71 0.73
CA LEU A 102 -5.64 -25.43 0.25
C LEU A 102 -6.68 -25.72 1.35
N PHE A 103 -6.22 -26.16 2.52
CA PHE A 103 -7.11 -26.51 3.64
C PHE A 103 -7.23 -25.42 4.72
N ARG A 104 -6.36 -24.40 4.67
CA ARG A 104 -6.41 -23.28 5.62
C ARG A 104 -7.41 -22.21 5.16
N SER A 105 -7.58 -21.18 6.00
CA SER A 105 -8.49 -20.06 5.72
C SER A 105 -7.94 -18.74 6.27
N LEU A 106 -8.71 -17.65 6.12
CA LEU A 106 -8.25 -16.31 6.50
C LEU A 106 -8.15 -16.08 8.01
N LYS A 107 -6.94 -15.87 8.50
CA LYS A 107 -6.68 -15.50 9.89
C LYS A 107 -6.94 -14.01 10.15
N ALA A 108 -6.80 -13.59 11.41
CA ALA A 108 -6.97 -12.17 11.80
C ALA A 108 -6.01 -11.20 11.10
N LYS A 109 -4.81 -11.67 10.73
CA LYS A 109 -3.84 -10.87 9.96
C LYS A 109 -4.41 -10.43 8.60
N HIS A 110 -5.12 -11.34 7.93
CA HIS A 110 -5.72 -11.08 6.62
C HIS A 110 -6.92 -10.14 6.70
N TRP A 111 -7.78 -10.33 7.70
CA TRP A 111 -8.94 -9.44 7.89
C TRP A 111 -8.56 -8.02 8.33
N LYS A 112 -7.43 -7.88 9.01
CA LYS A 112 -6.92 -6.56 9.40
C LYS A 112 -6.47 -5.78 8.17
N LYS A 113 -5.81 -6.46 7.24
CA LYS A 113 -5.43 -5.86 5.95
C LYS A 113 -6.66 -5.50 5.10
N VAL A 114 -7.68 -6.35 5.14
CA VAL A 114 -8.95 -6.07 4.44
C VAL A 114 -9.65 -4.83 5.02
N GLN A 115 -9.61 -4.69 6.34
CA GLN A 115 -10.20 -3.53 7.02
C GLN A 115 -9.46 -2.23 6.68
N GLU A 116 -8.13 -2.28 6.67
CA GLU A 116 -7.29 -1.13 6.37
C GLU A 116 -7.36 -0.65 4.91
N ALA A 117 -7.46 -1.60 3.98
CA ALA A 117 -7.62 -1.29 2.56
C ALA A 117 -8.94 -0.58 2.28
N LEU A 118 -10.01 -1.04 2.94
CA LEU A 118 -11.32 -0.37 2.88
C LEU A 118 -11.29 1.03 3.48
N GLU A 119 -10.58 1.18 4.59
CA GLU A 119 -10.44 2.48 5.26
C GLU A 119 -9.66 3.50 4.41
N ILE A 120 -8.64 3.04 3.68
CA ILE A 120 -7.86 3.91 2.78
C ILE A 120 -8.73 4.52 1.69
N VAL A 121 -9.53 3.69 1.02
CA VAL A 121 -10.40 4.14 -0.07
C VAL A 121 -11.75 4.73 0.40
N GLY A 122 -12.01 4.73 1.70
CA GLY A 122 -13.16 5.43 2.28
C GLY A 122 -14.48 4.67 2.23
N LEU A 123 -14.41 3.34 2.31
CA LEU A 123 -15.59 2.47 2.20
C LEU A 123 -15.69 1.47 3.36
N ALA A 124 -15.25 1.88 4.55
CA ALA A 124 -15.28 1.01 5.72
C ALA A 124 -16.72 0.68 6.16
N ASP A 125 -17.59 1.70 6.12
CA ASP A 125 -19.00 1.52 6.47
C ASP A 125 -19.83 0.82 5.38
N TYR A 126 -19.28 0.73 4.16
CA TYR A 126 -19.89 -0.04 3.07
C TYR A 126 -19.50 -1.54 3.06
N ALA A 127 -18.75 -2.00 4.06
CA ALA A 127 -18.20 -3.36 4.06
C ALA A 127 -19.23 -4.49 3.94
N GLU A 128 -20.43 -4.28 4.51
CA GLU A 128 -21.51 -5.28 4.49
C GLU A 128 -22.49 -5.12 3.31
N ARG A 129 -22.38 -4.02 2.57
CA ARG A 129 -23.23 -3.79 1.38
C ARG A 129 -22.91 -4.79 0.29
N GLN A 130 -23.92 -5.10 -0.53
CA GLN A 130 -23.70 -5.83 -1.78
C GLN A 130 -23.01 -4.91 -2.77
N ILE A 131 -22.20 -5.48 -3.64
CA ILE A 131 -21.51 -4.70 -4.68
C ILE A 131 -22.48 -4.06 -5.69
N SER A 132 -23.65 -4.67 -5.91
CA SER A 132 -24.72 -4.09 -6.73
C SER A 132 -25.27 -2.78 -6.17
N GLN A 133 -25.23 -2.63 -4.85
CA GLN A 133 -25.72 -1.43 -4.16
C GLN A 133 -24.62 -0.35 -4.02
N LEU A 134 -23.86 -0.12 -5.10
CA LEU A 134 -22.75 0.86 -5.11
C LEU A 134 -22.70 1.59 -6.44
N SER A 135 -22.15 2.81 -6.42
CA SER A 135 -21.93 3.57 -7.64
C SER A 135 -20.70 3.03 -8.38
N GLY A 136 -20.46 3.56 -9.57
CA GLY A 136 -19.29 3.17 -10.36
C GLY A 136 -17.98 3.53 -9.69
N GLY A 137 -17.93 4.73 -9.12
CA GLY A 137 -16.76 5.20 -8.37
C GLY A 137 -16.49 4.37 -7.12
N GLN A 138 -17.54 4.06 -6.37
CA GLN A 138 -17.42 3.23 -5.15
C GLN A 138 -16.96 1.81 -5.45
N PHE A 139 -17.53 1.18 -6.49
CA PHE A 139 -17.14 -0.17 -6.89
C PHE A 139 -15.70 -0.22 -7.39
N GLN A 140 -15.26 0.83 -8.08
CA GLN A 140 -13.88 0.94 -8.51
C GLN A 140 -12.92 0.97 -7.33
N ARG A 141 -13.31 1.70 -6.27
CA ARG A 141 -12.53 1.75 -5.04
C ARG A 141 -12.47 0.40 -4.30
N VAL A 142 -13.52 -0.41 -4.42
CA VAL A 142 -13.52 -1.80 -3.90
C VAL A 142 -12.45 -2.64 -4.62
N LEU A 143 -12.30 -2.43 -5.93
CA LEU A 143 -11.29 -3.12 -6.73
C LEU A 143 -9.87 -2.64 -6.41
N ILE A 144 -9.73 -1.35 -6.08
CA ILE A 144 -8.45 -0.78 -5.64
C ILE A 144 -8.07 -1.35 -4.28
N ALA A 145 -9.04 -1.41 -3.36
CA ALA A 145 -8.84 -2.03 -2.04
C ALA A 145 -8.45 -3.50 -2.17
N ARG A 146 -9.14 -4.22 -3.05
CA ARG A 146 -8.83 -5.61 -3.38
C ARG A 146 -7.42 -5.77 -3.95
N CYS A 147 -6.98 -4.77 -4.71
CA CYS A 147 -5.61 -4.71 -5.21
C CYS A 147 -4.59 -4.48 -4.08
N LEU A 148 -4.89 -3.52 -3.19
CA LEU A 148 -3.98 -3.19 -2.08
C LEU A 148 -3.61 -4.39 -1.21
N VAL A 149 -4.59 -5.22 -0.86
CA VAL A 149 -4.36 -6.37 0.05
C VAL A 149 -3.36 -7.42 -0.46
N GLN A 150 -3.16 -7.48 -1.78
CA GLN A 150 -2.12 -8.35 -2.37
C GLN A 150 -0.69 -7.97 -1.99
N GLU A 151 -0.46 -6.70 -1.64
CA GLU A 151 0.85 -6.20 -1.22
C GLU A 151 1.93 -6.48 -2.29
N ALA A 152 1.55 -6.19 -3.53
CA ALA A 152 2.37 -6.48 -4.71
C ALA A 152 3.33 -5.32 -4.98
N ASP A 153 4.42 -5.63 -5.68
CA ASP A 153 5.39 -4.63 -6.10
C ASP A 153 5.01 -3.94 -7.42
N TYR A 154 4.09 -4.54 -8.17
CA TYR A 154 3.63 -3.99 -9.44
C TYR A 154 2.10 -3.99 -9.47
N ILE A 155 1.51 -2.90 -9.94
CA ILE A 155 0.05 -2.73 -9.98
C ILE A 155 -0.37 -2.30 -11.37
N LEU A 156 -1.12 -3.17 -12.06
CA LEU A 156 -1.61 -2.91 -13.41
C LEU A 156 -3.12 -2.64 -13.38
N LEU A 157 -3.52 -1.40 -13.69
CA LEU A 157 -4.94 -1.02 -13.74
C LEU A 157 -5.40 -0.79 -15.17
N ASP A 158 -6.59 -1.31 -15.50
CA ASP A 158 -7.20 -1.16 -16.83
C ASP A 158 -8.34 -0.14 -16.76
N GLU A 159 -8.06 1.09 -17.20
CA GLU A 159 -9.05 2.20 -17.24
C GLU A 159 -9.77 2.41 -15.90
N PRO A 160 -9.00 2.66 -14.82
CA PRO A 160 -9.61 2.85 -13.50
C PRO A 160 -10.47 4.12 -13.38
N PHE A 161 -10.15 5.16 -14.15
CA PHE A 161 -10.85 6.46 -14.08
C PHE A 161 -12.00 6.65 -15.09
N ALA A 162 -12.37 5.59 -15.82
CA ALA A 162 -13.46 5.67 -16.78
C ALA A 162 -14.80 5.54 -16.05
N GLY A 163 -15.71 6.48 -16.30
CA GLY A 163 -17.06 6.43 -15.75
C GLY A 163 -17.12 6.39 -14.23
N ILE A 164 -16.49 7.37 -13.59
CA ILE A 164 -16.54 7.52 -12.12
C ILE A 164 -16.65 9.00 -11.73
N ASP A 165 -17.19 9.24 -10.53
CA ASP A 165 -17.30 10.61 -9.98
C ASP A 165 -15.92 11.18 -9.57
N SER A 166 -15.88 12.49 -9.37
CA SER A 166 -14.65 13.21 -9.05
C SER A 166 -14.10 12.89 -7.66
N VAL A 167 -15.00 12.74 -6.68
CA VAL A 167 -14.62 12.38 -5.31
C VAL A 167 -13.94 11.00 -5.28
N SER A 168 -14.47 10.05 -6.03
CA SER A 168 -13.89 8.71 -6.15
C SER A 168 -12.55 8.73 -6.88
N GLU A 169 -12.48 9.49 -7.97
CA GLU A 169 -11.23 9.67 -8.73
C GLU A 169 -10.12 10.27 -7.87
N GLU A 170 -10.46 11.26 -7.05
CA GLU A 170 -9.50 11.90 -6.14
C GLU A 170 -8.93 10.91 -5.11
N ILE A 171 -9.80 10.06 -4.56
CA ILE A 171 -9.40 9.02 -3.60
C ILE A 171 -8.49 7.97 -4.26
N ILE A 172 -8.90 7.51 -5.44
CA ILE A 172 -8.14 6.49 -6.17
C ILE A 172 -6.74 7.00 -6.52
N MET A 173 -6.63 8.26 -6.92
CA MET A 173 -5.32 8.83 -7.27
C MET A 173 -4.42 9.03 -6.05
N ASN A 174 -5.00 9.40 -4.91
CA ASN A 174 -4.24 9.48 -3.65
C ASN A 174 -3.65 8.14 -3.23
N THR A 175 -4.39 7.06 -3.49
CA THR A 175 -3.96 5.71 -3.19
C THR A 175 -2.82 5.26 -4.12
N LEU A 176 -2.87 5.67 -5.38
CA LEU A 176 -1.81 5.32 -6.35
C LEU A 176 -0.52 6.11 -6.10
N ARG A 177 -0.64 7.34 -5.62
CA ARG A 177 0.52 8.11 -5.16
C ARG A 177 1.19 7.46 -3.95
N ASP A 178 0.40 6.82 -3.09
CA ASP A 178 0.96 6.04 -1.97
C ASP A 178 1.76 4.85 -2.47
N LEU A 179 1.25 4.16 -3.50
CA LEU A 179 1.98 3.07 -4.14
C LEU A 179 3.29 3.55 -4.78
N LYS A 180 3.28 4.73 -5.41
CA LYS A 180 4.51 5.32 -5.94
C LYS A 180 5.46 5.72 -4.81
N LYS A 181 4.93 6.35 -3.76
CA LYS A 181 5.76 6.76 -2.62
C LYS A 181 6.43 5.56 -1.95
N ALA A 182 5.73 4.43 -1.93
CA ALA A 182 6.25 3.18 -1.37
C ALA A 182 7.27 2.46 -2.29
N GLY A 183 7.66 3.09 -3.41
CA GLY A 183 8.70 2.56 -4.29
C GLY A 183 8.20 1.67 -5.42
N LYS A 184 6.90 1.43 -5.46
CA LYS A 184 6.32 0.48 -6.40
C LYS A 184 5.96 1.15 -7.72
N THR A 185 5.68 0.31 -8.71
CA THR A 185 5.43 0.73 -10.08
C THR A 185 3.95 0.53 -10.40
N VAL A 186 3.30 1.59 -10.91
CA VAL A 186 1.89 1.56 -11.26
C VAL A 186 1.77 1.82 -12.76
N LEU A 187 1.11 0.90 -13.45
CA LEU A 187 1.00 0.92 -14.91
C LEU A 187 -0.48 0.98 -15.25
N ILE A 188 -0.96 2.17 -15.63
CA ILE A 188 -2.38 2.41 -15.89
C ILE A 188 -2.66 2.51 -17.40
N VAL A 189 -3.57 1.69 -17.90
CA VAL A 189 -4.14 1.91 -19.23
C VAL A 189 -5.20 2.99 -19.05
N HIS A 190 -4.95 4.17 -19.61
CA HIS A 190 -5.87 5.31 -19.49
C HIS A 190 -6.88 5.31 -20.64
N HIS A 191 -8.10 5.72 -20.33
CA HIS A 191 -9.26 5.59 -21.25
C HIS A 191 -9.39 6.72 -22.30
N ASP A 192 -8.71 7.85 -22.09
CA ASP A 192 -8.71 8.94 -23.05
C ASP A 192 -7.41 9.76 -22.91
N LEU A 193 -7.41 11.06 -23.27
CA LEU A 193 -6.23 11.91 -23.11
C LEU A 193 -6.46 13.03 -22.09
N SER A 194 -7.10 12.67 -20.96
CA SER A 194 -7.45 13.62 -19.91
C SER A 194 -6.44 13.58 -18.76
N LYS A 195 -5.91 14.75 -18.41
CA LYS A 195 -5.03 14.94 -17.23
C LYS A 195 -3.77 14.08 -17.27
N ILE A 196 -3.12 14.04 -18.43
CA ILE A 196 -1.96 13.17 -18.65
C ILE A 196 -0.71 13.61 -17.84
N PRO A 197 -0.35 14.91 -17.86
CA PRO A 197 0.75 15.32 -16.98
C PRO A 197 0.42 15.36 -15.48
N HIS A 198 -0.87 15.42 -15.13
CA HIS A 198 -1.30 15.37 -13.73
C HIS A 198 -1.13 13.97 -13.12
N TYR A 199 -1.51 12.93 -13.88
CA TYR A 199 -1.45 11.54 -13.39
C TYR A 199 -0.10 10.86 -13.60
N PHE A 200 0.52 11.10 -14.76
CA PHE A 200 1.58 10.23 -15.27
C PHE A 200 2.94 10.92 -15.38
N ASP A 201 3.98 10.24 -14.89
CA ASP A 201 5.36 10.72 -14.98
C ASP A 201 6.13 10.14 -16.19
N GLN A 202 5.66 9.01 -16.70
CA GLN A 202 6.04 8.51 -18.02
C GLN A 202 4.78 8.10 -18.78
N VAL A 203 4.84 8.13 -20.11
CA VAL A 203 3.74 7.66 -20.95
C VAL A 203 4.21 6.64 -21.98
N LEU A 204 3.27 5.85 -22.47
CA LEU A 204 3.53 4.78 -23.44
C LEU A 204 2.44 4.80 -24.50
N LEU A 205 2.74 5.32 -25.70
CA LEU A 205 1.77 5.42 -26.79
C LEU A 205 1.72 4.12 -27.59
N VAL A 206 0.51 3.59 -27.79
CA VAL A 206 0.31 2.31 -28.47
C VAL A 206 -0.82 2.41 -29.51
N ASN A 207 -0.50 2.13 -30.78
CA ASN A 207 -1.52 1.83 -31.79
C ASN A 207 -1.47 0.36 -32.16
N ARG A 208 -0.28 -0.14 -32.47
CA ARG A 208 -0.08 -1.57 -32.69
C ARG A 208 1.35 -1.94 -32.29
N GLU A 209 2.30 -1.23 -32.88
CA GLU A 209 3.66 -1.14 -32.36
C GLU A 209 3.68 -0.04 -31.28
N VAL A 210 4.72 -0.04 -30.45
CA VAL A 210 4.95 1.08 -29.52
C VAL A 210 5.45 2.26 -30.34
N ILE A 211 4.59 3.24 -30.57
CA ILE A 211 4.96 4.40 -31.39
C ILE A 211 5.82 5.40 -30.61
N ALA A 212 5.67 5.46 -29.28
CA ALA A 212 6.49 6.34 -28.42
C ALA A 212 6.48 5.88 -26.96
N PHE A 213 7.56 6.17 -26.24
CA PHE A 213 7.68 5.82 -24.82
C PHE A 213 8.78 6.63 -24.12
N GLY A 214 8.43 7.25 -22.99
CA GLY A 214 9.38 8.04 -22.21
C GLY A 214 8.74 8.96 -21.18
N PRO A 215 9.54 9.88 -20.59
CA PRO A 215 9.02 10.94 -19.71
C PRO A 215 7.92 11.76 -20.37
N THR A 216 6.91 12.14 -19.58
CA THR A 216 5.67 12.70 -20.09
C THR A 216 5.86 13.96 -20.94
N LYS A 217 6.57 14.94 -20.41
CA LYS A 217 6.80 16.20 -21.11
C LYS A 217 7.46 15.98 -22.48
N GLU A 218 8.46 15.09 -22.50
CA GLU A 218 9.21 14.80 -23.72
C GLU A 218 8.40 14.04 -24.77
N THR A 219 7.62 13.04 -24.33
CA THR A 219 6.98 12.08 -25.23
C THR A 219 5.47 12.29 -25.47
N PHE A 220 4.77 12.94 -24.55
CA PHE A 220 3.37 13.33 -24.76
C PHE A 220 3.34 14.64 -25.55
N THR A 221 3.54 14.51 -26.86
CA THR A 221 3.68 15.64 -27.77
C THR A 221 2.75 15.47 -28.97
N GLU A 222 2.47 16.60 -29.64
CA GLU A 222 1.57 16.63 -30.79
C GLU A 222 2.07 15.75 -31.95
N THR A 223 3.38 15.69 -32.14
CA THR A 223 3.99 14.82 -33.16
C THR A 223 3.68 13.34 -32.93
N ASN A 224 3.88 12.87 -31.70
CA ASN A 224 3.66 11.47 -31.33
C ASN A 224 2.18 11.08 -31.30
N LEU A 225 1.34 11.96 -30.76
CA LEU A 225 -0.11 11.74 -30.74
C LEU A 225 -0.70 11.63 -32.15
N LYS A 226 -0.21 12.45 -33.07
CA LYS A 226 -0.68 12.44 -34.46
C LYS A 226 -0.49 11.10 -35.16
N GLU A 227 0.69 10.50 -35.06
CA GLU A 227 0.95 9.21 -35.70
C GLU A 227 0.34 8.01 -34.95
N ALA A 228 0.02 8.17 -33.67
CA ALA A 228 -0.71 7.15 -32.91
C ALA A 228 -2.18 7.12 -33.31
N TYR A 229 -2.86 8.26 -33.20
CA TYR A 229 -4.28 8.36 -33.52
C TYR A 229 -4.57 8.47 -35.03
N GLY A 230 -3.56 8.84 -35.81
CA GLY A 230 -3.66 8.86 -37.27
C GLY A 230 -3.17 7.59 -37.96
N ASN A 231 -2.68 6.61 -37.18
CA ASN A 231 -2.16 5.34 -37.70
C ASN A 231 -1.04 5.54 -38.74
N GLN A 232 -0.14 6.48 -38.44
CA GLN A 232 0.98 6.87 -39.31
C GLN A 232 0.52 7.36 -40.70
N LEU A 233 -0.67 7.95 -40.76
CA LEU A 233 -1.28 8.43 -42.01
C LEU A 233 -2.04 9.76 -41.79
N PHE A 234 -1.50 10.60 -40.91
CA PHE A 234 -2.15 11.83 -40.48
C PHE A 234 -2.00 12.93 -41.55
N GLU B 1 2.21 19.03 -3.70
CA GLU B 1 3.03 18.35 -2.65
C GLU B 1 2.13 17.91 -1.50
N VAL B 2 2.34 16.67 -1.02
CA VAL B 2 1.67 16.16 0.18
C VAL B 2 2.48 16.58 1.41
N MET B 3 1.80 17.15 2.40
CA MET B 3 2.46 17.93 3.46
C MET B 3 1.69 17.91 4.78
N LEU B 4 2.41 17.77 5.90
CA LEU B 4 1.87 17.91 7.25
C LEU B 4 2.53 19.10 7.95
N VAL B 5 1.74 19.89 8.67
CA VAL B 5 2.24 21.09 9.37
C VAL B 5 1.74 21.10 10.81
N GLU B 6 2.66 21.03 11.77
CA GLU B 6 2.32 21.09 13.19
C GLU B 6 2.31 22.53 13.68
N SER B 7 1.64 22.73 14.82
CA SER B 7 1.59 24.04 15.47
C SER B 7 1.15 23.89 16.93
N GLY B 8 1.22 25.00 17.66
CA GLY B 8 0.78 25.04 19.06
C GLY B 8 1.88 24.78 20.09
N GLY B 9 3.11 24.59 19.63
CA GLY B 9 4.26 24.43 20.51
C GLY B 9 4.64 25.74 21.19
N GLY B 10 5.38 25.64 22.29
CA GLY B 10 5.80 26.82 23.06
C GLY B 10 6.20 26.46 24.48
N LEU B 11 6.12 27.44 25.38
CA LEU B 11 6.53 27.28 26.78
C LEU B 11 5.35 26.91 27.67
N VAL B 12 5.57 25.94 28.55
CA VAL B 12 4.59 25.56 29.58
C VAL B 12 5.35 25.29 30.88
N LYS B 13 4.76 25.67 32.01
CA LYS B 13 5.34 25.35 33.32
C LYS B 13 5.01 23.90 33.68
N PRO B 14 5.85 23.23 34.51
CA PRO B 14 5.54 21.86 34.94
C PRO B 14 4.17 21.75 35.62
N GLY B 15 3.35 20.83 35.12
CA GLY B 15 1.96 20.67 35.56
C GLY B 15 0.91 21.26 34.62
N GLY B 16 1.35 22.07 33.65
CA GLY B 16 0.44 22.74 32.71
C GLY B 16 0.00 21.89 31.54
N SER B 17 -1.07 22.33 30.87
CA SER B 17 -1.60 21.67 29.68
C SER B 17 -1.23 22.43 28.41
N LEU B 18 -1.25 21.72 27.29
CA LEU B 18 -1.05 22.32 25.96
C LEU B 18 -1.56 21.38 24.87
N LYS B 19 -2.20 21.96 23.85
CA LYS B 19 -2.83 21.20 22.77
C LYS B 19 -2.11 21.46 21.44
N LEU B 20 -1.43 20.44 20.90
CA LEU B 20 -0.77 20.54 19.60
C LEU B 20 -1.76 20.21 18.49
N SER B 21 -1.62 20.90 17.36
CA SER B 21 -2.44 20.66 16.16
C SER B 21 -1.57 20.16 15.02
N CYS B 22 -2.20 19.51 14.05
CA CYS B 22 -1.54 19.08 12.82
C CYS B 22 -2.50 19.24 11.64
N ALA B 23 -2.21 20.22 10.79
CA ALA B 23 -2.95 20.43 9.55
C ALA B 23 -2.37 19.57 8.45
N ALA B 24 -3.20 19.18 7.47
CA ALA B 24 -2.77 18.36 6.35
C ALA B 24 -3.07 19.04 5.03
N SER B 25 -2.38 18.55 3.99
CA SER B 25 -2.57 19.02 2.63
C SER B 25 -2.29 17.84 1.70
N GLY B 26 -3.34 17.29 1.09
CA GLY B 26 -3.23 16.11 0.22
C GLY B 26 -3.56 14.78 0.87
N ILE B 27 -3.55 14.73 2.21
CA ILE B 27 -3.96 13.55 2.99
C ILE B 27 -5.25 13.89 3.74
N THR B 28 -6.20 12.97 3.77
CA THR B 28 -7.30 13.01 4.73
C THR B 28 -6.91 12.07 5.88
N PHE B 29 -6.84 12.61 7.09
CA PHE B 29 -6.40 11.84 8.27
C PHE B 29 -7.28 10.64 8.57
N SER B 30 -8.59 10.78 8.36
CA SER B 30 -9.57 9.71 8.63
C SER B 30 -9.28 8.38 7.94
N SER B 31 -8.65 8.42 6.76
CA SER B 31 -8.37 7.23 5.95
C SER B 31 -7.19 6.38 6.43
N TYR B 32 -6.19 7.00 7.08
CA TYR B 32 -4.98 6.30 7.52
C TYR B 32 -4.85 6.29 9.04
N ALA B 33 -3.96 5.44 9.53
CA ALA B 33 -3.51 5.52 10.92
C ALA B 33 -2.57 6.71 11.04
N MET B 34 -2.81 7.58 12.03
CA MET B 34 -1.98 8.75 12.27
C MET B 34 -1.33 8.64 13.65
N SER B 35 -0.12 9.19 13.77
CA SER B 35 0.65 9.12 15.02
C SER B 35 1.35 10.43 15.36
N TRP B 36 1.68 10.59 16.64
CA TRP B 36 2.62 11.60 17.11
C TRP B 36 3.88 10.90 17.60
N VAL B 37 5.03 11.41 17.19
CA VAL B 37 6.34 10.91 17.63
C VAL B 37 7.14 12.12 18.09
N ARG B 38 7.82 11.99 19.23
CA ARG B 38 8.64 13.08 19.77
C ARG B 38 10.13 12.76 19.70
N GLN B 39 10.94 13.82 19.65
CA GLN B 39 12.39 13.72 19.69
C GLN B 39 12.92 14.59 20.84
N THR B 40 13.62 13.97 21.77
CA THR B 40 14.20 14.68 22.92
C THR B 40 15.39 15.55 22.48
N PRO B 41 15.88 16.46 23.36
CA PRO B 41 17.10 17.22 23.06
C PRO B 41 18.35 16.36 22.85
N GLU B 42 18.38 15.14 23.42
CA GLU B 42 19.44 14.16 23.16
C GLU B 42 19.16 13.25 21.95
N LYS B 43 18.25 13.67 21.07
CA LYS B 43 17.96 12.99 19.80
C LYS B 43 17.36 11.57 19.92
N ARG B 44 16.69 11.28 21.04
CA ARG B 44 16.02 10.00 21.25
C ARG B 44 14.58 10.10 20.74
N LEU B 45 14.28 9.37 19.65
CA LEU B 45 12.93 9.32 19.09
C LEU B 45 12.03 8.42 19.94
N GLU B 46 10.92 8.97 20.41
CA GLU B 46 9.94 8.20 21.17
C GLU B 46 8.55 8.41 20.58
N TRP B 47 7.84 7.31 20.37
CA TRP B 47 6.43 7.35 19.96
C TRP B 47 5.57 7.67 21.17
N VAL B 48 4.61 8.57 20.99
CA VAL B 48 3.78 9.07 22.11
C VAL B 48 2.26 8.81 22.00
N ALA B 49 1.73 8.73 20.78
CA ALA B 49 0.31 8.45 20.57
C ALA B 49 0.01 8.07 19.13
N SER B 50 -1.08 7.32 18.94
CA SER B 50 -1.62 7.09 17.60
C SER B 50 -3.13 6.88 17.61
N ILE B 51 -3.73 7.09 16.44
CA ILE B 51 -5.18 6.90 16.25
C ILE B 51 -5.39 6.20 14.91
N SER B 52 -6.05 5.05 14.94
CA SER B 52 -6.39 4.30 13.72
C SER B 52 -7.52 5.02 12.98
N SER B 53 -7.74 4.63 11.74
CA SER B 53 -8.84 5.18 10.92
C SER B 53 -10.21 5.01 11.59
N GLY B 54 -10.45 3.85 12.20
CA GLY B 54 -11.71 3.57 12.89
C GLY B 54 -12.03 4.43 14.10
N GLY B 55 -10.99 4.98 14.75
CA GLY B 55 -11.16 5.82 15.95
C GLY B 55 -10.46 5.28 17.20
N SER B 56 -9.99 4.03 17.13
CA SER B 56 -9.30 3.40 18.26
C SER B 56 -7.92 4.03 18.49
N THR B 57 -7.76 4.61 19.67
CA THR B 57 -6.49 5.21 20.08
C THR B 57 -5.71 4.23 20.96
N TYR B 58 -4.40 4.37 20.97
CA TYR B 58 -3.54 3.60 21.89
C TYR B 58 -2.21 4.32 22.10
N TYR B 59 -1.66 4.17 23.31
CA TYR B 59 -0.53 4.97 23.80
C TYR B 59 0.52 4.07 24.47
N PRO B 60 1.74 4.60 24.69
CA PRO B 60 2.73 3.88 25.51
C PRO B 60 2.46 4.13 27.00
N ASP B 61 2.91 3.22 27.85
CA ASP B 61 2.70 3.33 29.31
C ASP B 61 3.35 4.58 29.91
N SER B 62 4.46 5.03 29.32
CA SER B 62 5.17 6.24 29.77
C SER B 62 4.36 7.54 29.62
N VAL B 63 3.41 7.56 28.69
CA VAL B 63 2.63 8.76 28.38
C VAL B 63 1.10 8.55 28.59
N LYS B 64 0.68 7.37 29.03
CA LYS B 64 -0.75 7.04 29.17
C LYS B 64 -1.37 7.73 30.38
N GLY B 65 -2.61 8.19 30.21
CA GLY B 65 -3.34 8.92 31.25
C GLY B 65 -3.31 10.43 31.08
N ARG B 66 -2.17 10.96 30.62
CA ARG B 66 -1.93 12.40 30.50
C ARG B 66 -2.18 12.92 29.08
N PHE B 67 -1.69 12.20 28.08
CA PHE B 67 -1.85 12.57 26.67
C PHE B 67 -3.06 11.88 26.07
N THR B 68 -3.81 12.60 25.23
CA THR B 68 -4.93 12.04 24.50
C THR B 68 -4.93 12.56 23.05
N ILE B 69 -5.03 11.63 22.10
CA ILE B 69 -4.99 11.94 20.67
C ILE B 69 -6.41 11.90 20.11
N SER B 70 -6.78 12.94 19.35
CA SER B 70 -8.11 13.05 18.74
C SER B 70 -7.96 13.58 17.31
N ARG B 71 -9.08 13.67 16.60
CA ARG B 71 -9.08 14.02 15.18
C ARG B 71 -10.43 14.63 14.76
N ASP B 72 -10.38 15.79 14.11
CA ASP B 72 -11.57 16.45 13.56
C ASP B 72 -11.67 16.14 12.07
N ASN B 73 -12.65 15.31 11.70
CA ASN B 73 -12.80 14.85 10.31
C ASN B 73 -13.20 15.95 9.33
N ALA B 74 -14.11 16.82 9.76
CA ALA B 74 -14.65 17.88 8.90
C ALA B 74 -13.59 18.92 8.55
N ARG B 75 -12.88 19.40 9.57
CA ARG B 75 -11.79 20.35 9.38
C ARG B 75 -10.49 19.67 8.92
N ASN B 76 -10.39 18.35 9.15
CA ASN B 76 -9.23 17.52 8.78
C ASN B 76 -7.96 17.97 9.51
N ILE B 77 -8.06 17.91 10.84
CA ILE B 77 -6.97 18.29 11.74
C ILE B 77 -6.80 17.16 12.76
N LEU B 78 -5.54 16.82 13.04
CA LEU B 78 -5.20 15.86 14.09
C LEU B 78 -4.68 16.66 15.27
N TYR B 79 -5.11 16.28 16.47
CA TYR B 79 -4.73 16.98 17.71
C TYR B 79 -3.96 16.07 18.65
N LEU B 80 -3.21 16.69 19.57
CA LEU B 80 -2.62 15.99 20.71
C LEU B 80 -2.78 16.86 21.96
N GLN B 81 -3.78 16.54 22.77
CA GLN B 81 -3.99 17.19 24.05
C GLN B 81 -3.01 16.61 25.06
N MET B 82 -2.29 17.49 25.75
CA MET B 82 -1.36 17.12 26.81
C MET B 82 -1.82 17.77 28.11
N SER B 83 -1.56 17.11 29.23
CA SER B 83 -1.89 17.67 30.55
C SER B 83 -0.91 17.17 31.60
N SER B 84 -0.80 17.91 32.70
CA SER B 84 0.19 17.64 33.76
C SER B 84 1.55 17.29 33.17
N LEU B 85 2.09 18.22 32.37
CA LEU B 85 3.36 18.02 31.67
C LEU B 85 4.55 17.95 32.63
N ARG B 86 5.30 16.85 32.55
CA ARG B 86 6.50 16.64 33.36
C ARG B 86 7.70 17.21 32.60
N SER B 87 8.85 17.28 33.29
CA SER B 87 10.08 17.85 32.73
C SER B 87 10.65 17.02 31.55
N GLU B 88 10.41 15.72 31.57
CA GLU B 88 10.87 14.81 30.52
C GLU B 88 10.16 15.02 29.17
N ASP B 89 8.99 15.67 29.18
CA ASP B 89 8.23 15.97 27.97
C ASP B 89 8.83 17.05 27.07
N THR B 90 9.84 17.78 27.56
CA THR B 90 10.56 18.75 26.74
C THR B 90 11.17 18.06 25.51
N ALA B 91 10.66 18.38 24.33
CA ALA B 91 11.02 17.69 23.08
C ALA B 91 10.43 18.37 21.84
N MET B 92 10.93 17.98 20.68
CA MET B 92 10.35 18.35 19.38
C MET B 92 9.26 17.33 19.06
N TYR B 93 8.01 17.79 18.96
CA TYR B 93 6.88 16.90 18.69
C TYR B 93 6.53 16.87 17.20
N TYR B 94 6.54 15.66 16.62
CA TYR B 94 6.27 15.45 15.20
C TYR B 94 4.94 14.75 14.97
N CYS B 95 4.30 15.12 13.86
CA CYS B 95 3.04 14.54 13.42
C CYS B 95 3.38 13.71 12.18
N ALA B 96 2.87 12.48 12.11
CA ALA B 96 3.30 11.52 11.08
C ALA B 96 2.24 10.48 10.73
N ARG B 97 2.22 10.08 9.46
CA ARG B 97 1.28 9.06 8.97
C ARG B 97 1.73 7.68 9.46
N GLY B 98 1.01 7.21 10.48
CA GLY B 98 1.47 6.17 11.41
C GLY B 98 1.47 4.78 10.84
N PRO B 99 1.83 3.79 11.69
CA PRO B 99 2.07 2.43 11.23
C PRO B 99 0.77 1.67 11.02
N MET B 100 0.76 0.84 9.98
CA MET B 100 -0.39 -0.02 9.64
C MET B 100 0.12 -1.39 9.19
N ALA B 101 -0.78 -2.37 9.21
CA ALA B 101 -0.46 -3.74 8.81
C ALA B 101 -0.12 -3.94 7.33
N LEU B 102 -0.72 -3.13 6.44
CA LEU B 102 -0.45 -3.21 5.00
C LEU B 102 0.98 -2.80 4.66
N LEU B 103 1.61 -3.57 3.76
CA LEU B 103 3.01 -3.40 3.34
C LEU B 103 3.47 -1.95 3.22
N TYR B 104 2.70 -1.15 2.48
CA TYR B 104 3.13 0.18 2.04
C TYR B 104 3.12 1.23 3.17
N TYR B 105 2.37 0.94 4.23
CA TYR B 105 2.15 1.89 5.32
C TYR B 105 2.71 1.36 6.66
N ARG B 106 3.73 0.50 6.61
CA ARG B 106 4.29 -0.12 7.82
C ARG B 106 5.21 0.78 8.65
N GLY B 107 5.71 1.87 8.06
CA GLY B 107 6.51 2.85 8.79
C GLY B 107 5.80 4.18 8.92
N PHE B 108 6.52 5.16 9.48
CA PHE B 108 6.10 6.55 9.49
C PHE B 108 6.61 7.18 8.19
N ASP B 109 5.78 7.16 7.14
CA ASP B 109 6.23 7.55 5.79
C ASP B 109 6.14 9.05 5.48
N TYR B 110 5.20 9.76 6.09
CA TYR B 110 5.13 11.23 6.02
C TYR B 110 5.42 11.80 7.40
N TRP B 111 6.15 12.91 7.45
CA TRP B 111 6.49 13.61 8.69
C TRP B 111 6.30 15.11 8.53
N GLY B 112 5.70 15.76 9.51
CA GLY B 112 5.59 17.21 9.52
C GLY B 112 6.91 17.85 9.92
N GLN B 113 6.97 19.19 9.87
CA GLN B 113 8.22 19.91 10.12
C GLN B 113 8.60 19.96 11.60
N GLY B 114 7.59 19.97 12.47
CA GLY B 114 7.76 19.71 13.89
C GLY B 114 7.60 20.97 14.71
N THR B 115 6.78 20.90 15.77
CA THR B 115 6.56 22.02 16.67
C THR B 115 7.17 21.66 18.03
N THR B 116 7.97 22.57 18.59
CA THR B 116 8.75 22.26 19.80
C THR B 116 8.05 22.67 21.09
N LEU B 117 8.26 21.86 22.14
CA LEU B 117 7.66 22.07 23.45
C LEU B 117 8.76 22.12 24.50
N THR B 118 8.75 23.17 25.32
CA THR B 118 9.66 23.30 26.47
C THR B 118 8.84 23.28 27.76
N VAL B 119 9.26 22.44 28.70
CA VAL B 119 8.61 22.33 30.02
C VAL B 119 9.58 22.79 31.12
N SER B 120 9.49 24.08 31.47
CA SER B 120 10.33 24.66 32.53
C SER B 120 9.68 25.85 33.22
N SER B 121 10.20 26.20 34.38
CA SER B 121 9.68 27.29 35.20
C SER B 121 10.19 28.68 34.80
N ALA B 122 11.21 28.74 33.95
CA ALA B 122 11.83 30.01 33.55
C ALA B 122 10.89 30.90 32.75
N LYS B 123 11.04 32.21 32.92
CA LYS B 123 10.21 33.20 32.21
C LYS B 123 10.72 33.42 30.80
N THR B 124 9.82 33.84 29.91
CA THR B 124 10.17 34.16 28.52
C THR B 124 10.96 35.47 28.45
N THR B 125 11.99 35.48 27.61
CA THR B 125 12.86 36.66 27.44
C THR B 125 13.11 36.89 25.94
N ALA B 126 13.04 38.15 25.53
CA ALA B 126 13.30 38.52 24.14
C ALA B 126 14.81 38.52 23.86
N PRO B 127 15.22 38.12 22.64
CA PRO B 127 16.65 38.15 22.30
C PRO B 127 17.17 39.55 22.04
N SER B 128 18.49 39.70 22.10
CA SER B 128 19.19 40.91 21.71
C SER B 128 20.06 40.57 20.50
N VAL B 129 19.90 41.34 19.42
CA VAL B 129 20.53 41.01 18.12
C VAL B 129 21.64 42.00 17.76
N TYR B 130 22.88 41.51 17.75
CA TYR B 130 24.07 42.34 17.57
C TYR B 130 24.72 42.05 16.22
N PRO B 131 24.99 43.09 15.40
CA PRO B 131 25.66 42.87 14.12
C PRO B 131 27.17 42.77 14.28
N LEU B 132 27.74 41.64 13.87
CA LEU B 132 29.18 41.38 13.99
C LEU B 132 29.89 41.65 12.67
N ALA B 133 30.54 42.82 12.58
CA ALA B 133 31.36 43.20 11.43
C ALA B 133 32.85 42.98 11.75
N PRO B 134 33.73 42.98 10.72
CA PRO B 134 35.18 42.83 10.96
C PRO B 134 35.84 44.02 11.68
N VAL B 135 37.17 43.98 11.80
CA VAL B 135 37.92 44.99 12.55
C VAL B 135 37.96 46.32 11.78
N SER B 142 40.23 38.82 -0.39
CA SER B 142 39.33 38.27 -1.41
C SER B 142 37.98 37.91 -0.80
N SER B 143 38.00 37.10 0.25
CA SER B 143 36.81 36.70 0.99
C SER B 143 36.61 37.61 2.21
N VAL B 144 35.36 37.71 2.67
CA VAL B 144 35.02 38.49 3.87
C VAL B 144 33.88 37.81 4.62
N THR B 145 34.07 37.62 5.94
CA THR B 145 33.09 36.94 6.80
C THR B 145 32.42 37.94 7.74
N LEU B 146 31.08 37.87 7.81
CA LEU B 146 30.28 38.67 8.73
C LEU B 146 29.54 37.72 9.67
N GLY B 147 28.82 38.28 10.65
CA GLY B 147 28.12 37.48 11.64
C GLY B 147 26.97 38.17 12.33
N CYS B 148 26.34 37.45 13.27
CA CYS B 148 25.16 37.93 13.98
C CYS B 148 24.97 37.16 15.28
N LEU B 149 24.96 37.88 16.42
CA LEU B 149 24.85 37.27 17.74
C LEU B 149 23.45 37.48 18.32
N VAL B 150 22.76 36.37 18.63
CA VAL B 150 21.46 36.39 19.28
C VAL B 150 21.63 35.88 20.71
N LYS B 151 21.46 36.77 21.69
CA LYS B 151 21.77 36.46 23.09
C LYS B 151 20.61 36.75 24.05
N GLY B 152 20.56 35.99 25.15
CA GLY B 152 19.66 36.26 26.25
C GLY B 152 18.19 36.06 25.95
N TYR B 153 17.85 34.91 25.35
CA TYR B 153 16.46 34.58 25.01
C TYR B 153 16.04 33.22 25.56
N PHE B 154 14.73 33.09 25.81
CA PHE B 154 14.15 31.83 26.27
C PHE B 154 12.65 31.83 25.96
N PRO B 155 12.07 30.69 25.54
CA PRO B 155 12.76 29.45 25.21
C PRO B 155 13.08 29.42 23.72
N GLU B 156 13.53 28.25 23.24
CA GLU B 156 13.60 27.98 21.80
C GLU B 156 12.18 27.74 21.26
N PRO B 157 11.95 27.89 19.95
CA PRO B 157 12.97 28.16 18.93
C PRO B 157 13.14 29.63 18.57
N VAL B 158 14.20 29.92 17.83
CA VAL B 158 14.41 31.22 17.19
C VAL B 158 14.89 30.97 15.76
N THR B 159 14.25 31.61 14.77
CA THR B 159 14.68 31.51 13.38
C THR B 159 15.65 32.64 13.07
N LEU B 160 16.73 32.32 12.36
CA LEU B 160 17.68 33.31 11.87
C LEU B 160 17.88 33.08 10.38
N THR B 161 17.74 34.14 9.60
CA THR B 161 17.93 34.09 8.14
C THR B 161 18.63 35.35 7.64
N TRP B 162 19.18 35.27 6.42
CA TRP B 162 20.00 36.34 5.85
C TRP B 162 19.37 36.92 4.58
N ASN B 163 19.03 38.21 4.65
CA ASN B 163 18.27 38.92 3.61
C ASN B 163 16.96 38.19 3.25
N SER B 164 16.27 37.73 4.31
CA SER B 164 14.99 37.02 4.20
C SER B 164 15.08 35.75 3.36
N GLY B 165 16.10 34.93 3.62
CA GLY B 165 16.31 33.67 2.92
C GLY B 165 16.96 33.76 1.54
N SER B 166 17.50 34.94 1.20
CA SER B 166 18.14 35.14 -0.10
C SER B 166 19.53 34.51 -0.11
N LEU B 167 20.36 34.85 0.88
CA LEU B 167 21.67 34.22 1.09
C LEU B 167 21.51 32.95 1.93
N SER B 168 21.36 31.81 1.25
CA SER B 168 21.38 30.50 1.90
C SER B 168 22.77 29.87 1.83
N SER B 169 23.44 29.99 0.69
CA SER B 169 24.78 29.42 0.50
C SER B 169 25.84 30.20 1.28
N GLY B 170 26.85 29.47 1.77
CA GLY B 170 27.93 30.06 2.55
C GLY B 170 27.53 30.51 3.94
N VAL B 171 26.54 29.84 4.54
CA VAL B 171 26.05 30.17 5.88
C VAL B 171 26.39 29.08 6.89
N HIS B 172 26.56 29.47 8.14
CA HIS B 172 26.76 28.54 9.26
C HIS B 172 26.03 29.05 10.50
N THR B 173 24.79 28.61 10.67
CA THR B 173 24.01 28.92 11.87
C THR B 173 24.25 27.81 12.88
N PHE B 174 24.68 28.19 14.09
CA PHE B 174 25.13 27.25 15.10
C PHE B 174 24.00 26.92 16.09
N PRO B 175 23.87 25.64 16.52
CA PRO B 175 22.87 25.26 17.52
C PRO B 175 22.94 26.08 18.79
N ALA B 176 21.78 26.44 19.35
CA ALA B 176 21.70 27.24 20.57
C ALA B 176 22.22 26.44 21.77
N VAL B 177 22.78 27.17 22.73
CA VAL B 177 23.31 26.55 23.95
C VAL B 177 22.85 27.36 25.18
N LEU B 178 22.48 26.63 26.23
CA LEU B 178 21.80 27.20 27.40
C LEU B 178 22.76 27.45 28.56
N GLN B 179 22.54 28.56 29.27
CA GLN B 179 23.25 28.84 30.53
C GLN B 179 22.46 29.81 31.42
N SER B 180 22.06 29.32 32.61
CA SER B 180 21.23 30.06 33.56
C SER B 180 19.88 30.48 32.96
N ASP B 181 19.21 29.52 32.31
CA ASP B 181 17.89 29.72 31.69
C ASP B 181 17.87 30.82 30.60
N LEU B 182 18.96 30.95 29.85
CA LEU B 182 19.06 31.91 28.74
C LEU B 182 19.88 31.35 27.58
N TYR B 183 19.24 31.16 26.43
CA TYR B 183 19.91 30.62 25.23
C TYR B 183 20.76 31.68 24.53
N THR B 184 21.84 31.21 23.90
CA THR B 184 22.69 32.02 23.04
C THR B 184 22.86 31.30 21.70
N LEU B 185 22.68 32.04 20.61
CA LEU B 185 22.78 31.51 19.26
C LEU B 185 23.60 32.48 18.41
N SER B 186 24.30 31.95 17.41
CA SER B 186 25.10 32.76 16.49
C SER B 186 25.06 32.20 15.07
N SER B 187 25.37 33.07 14.11
CA SER B 187 25.39 32.69 12.69
C SER B 187 26.43 33.51 11.94
N SER B 188 27.06 32.91 10.92
CA SER B 188 28.08 33.59 10.11
C SER B 188 27.79 33.45 8.62
N VAL B 189 28.22 34.44 7.85
CA VAL B 189 28.06 34.46 6.39
C VAL B 189 29.37 34.92 5.73
N THR B 190 29.99 34.02 4.96
CA THR B 190 31.15 34.35 4.15
C THR B 190 30.70 34.77 2.75
N VAL B 191 31.28 35.85 2.25
CA VAL B 191 31.01 36.36 0.89
C VAL B 191 32.29 36.88 0.24
N THR B 192 32.20 37.26 -1.03
CA THR B 192 33.32 37.87 -1.76
C THR B 192 33.54 39.32 -1.32
N SER B 193 34.67 39.89 -1.71
CA SER B 193 34.98 41.29 -1.40
C SER B 193 34.07 42.30 -2.12
N SER B 194 33.52 41.91 -3.28
CA SER B 194 32.63 42.78 -4.06
C SER B 194 31.34 43.07 -3.31
N THR B 195 30.62 42.02 -2.93
CA THR B 195 29.40 42.16 -2.12
C THR B 195 29.79 42.46 -0.68
N TRP B 196 29.25 43.54 -0.12
CA TRP B 196 29.63 44.10 1.18
C TRP B 196 31.05 44.71 1.16
N PRO B 197 31.21 45.99 1.55
CA PRO B 197 30.14 46.86 2.07
C PRO B 197 29.19 47.51 1.05
N SER B 198 29.37 47.26 -0.25
CA SER B 198 28.53 47.87 -1.29
C SER B 198 27.08 47.39 -1.23
N GLN B 199 26.86 46.10 -1.46
CA GLN B 199 25.55 45.47 -1.26
C GLN B 199 25.20 45.33 0.22
N SER B 200 23.91 45.34 0.53
CA SER B 200 23.40 45.37 1.91
C SER B 200 23.03 43.98 2.43
N ILE B 201 23.87 43.45 3.32
CA ILE B 201 23.61 42.19 4.03
C ILE B 201 23.02 42.53 5.40
N THR B 202 21.89 41.88 5.73
CA THR B 202 21.18 42.12 7.00
C THR B 202 20.83 40.79 7.68
N CYS B 203 20.86 40.80 9.01
CA CYS B 203 20.54 39.63 9.84
C CYS B 203 19.07 39.69 10.30
N ASN B 204 18.25 38.77 9.83
CA ASN B 204 16.81 38.71 10.16
C ASN B 204 16.54 37.65 11.23
N VAL B 205 16.31 38.09 12.47
CA VAL B 205 16.03 37.20 13.61
C VAL B 205 14.58 37.33 14.04
N ALA B 206 13.99 36.23 14.52
CA ALA B 206 12.59 36.22 14.96
C ALA B 206 12.35 35.17 16.05
N HIS B 207 11.91 35.64 17.22
CA HIS B 207 11.61 34.78 18.38
C HIS B 207 10.10 34.87 18.67
N PRO B 208 9.31 33.89 18.18
CA PRO B 208 7.85 33.99 18.26
C PRO B 208 7.24 33.76 19.65
N ALA B 209 7.99 33.19 20.58
CA ALA B 209 7.51 32.97 21.95
C ALA B 209 7.38 34.25 22.77
N SER B 210 8.25 35.24 22.49
CA SER B 210 8.17 36.57 23.11
C SER B 210 7.62 37.65 22.17
N SER B 211 7.08 37.24 21.02
CA SER B 211 6.47 38.14 20.03
C SER B 211 7.43 39.25 19.56
N THR B 212 8.48 38.85 18.85
CA THR B 212 9.48 39.79 18.34
C THR B 212 10.13 39.28 17.04
N LYS B 213 10.15 40.16 16.04
CA LYS B 213 10.86 39.94 14.76
C LYS B 213 11.71 41.17 14.50
N VAL B 214 13.00 40.96 14.23
CA VAL B 214 13.97 42.06 14.15
C VAL B 214 14.96 41.87 12.99
N ASP B 215 15.35 43.00 12.39
CA ASP B 215 16.35 43.05 11.33
C ASP B 215 17.55 43.88 11.80
N LYS B 216 18.76 43.45 11.43
CA LYS B 216 20.00 44.16 11.79
C LYS B 216 20.94 44.25 10.60
N LYS B 217 21.07 45.44 10.03
CA LYS B 217 22.00 45.70 8.93
C LYS B 217 23.42 45.82 9.48
N ILE B 218 24.32 44.98 8.98
CA ILE B 218 25.72 44.98 9.41
C ILE B 218 26.47 46.03 8.59
N GLU B 219 26.92 47.09 9.26
CA GLU B 219 27.65 48.19 8.62
C GLU B 219 29.10 48.21 9.12
N PRO B 220 30.06 48.66 8.28
CA PRO B 220 31.45 48.74 8.74
C PRO B 220 31.64 49.74 9.88
N ARG B 221 32.31 49.31 10.96
CA ARG B 221 32.49 50.15 12.15
C ARG B 221 33.65 51.14 11.97
N GLY B 222 33.43 52.39 12.41
CA GLY B 222 34.41 53.47 12.26
C GLY B 222 35.29 53.66 13.49
N PRO B 223 36.21 54.64 13.44
CA PRO B 223 37.13 54.90 14.55
C PRO B 223 36.46 55.66 15.69
N ASP C 1 7.63 -4.04 26.18
CA ASP C 1 8.33 -3.31 25.07
C ASP C 1 9.24 -4.25 24.26
N ILE C 2 9.51 -3.86 23.01
CA ILE C 2 10.55 -4.49 22.19
C ILE C 2 11.69 -3.48 22.10
N VAL C 3 12.79 -3.77 22.80
CA VAL C 3 13.96 -2.90 22.80
C VAL C 3 14.84 -3.27 21.60
N MET C 4 15.45 -2.25 21.00
CA MET C 4 16.38 -2.44 19.88
C MET C 4 17.62 -1.59 20.04
N THR C 5 18.78 -2.20 19.82
CA THR C 5 20.08 -1.56 19.96
C THR C 5 20.81 -1.62 18.64
N GLN C 6 21.21 -0.45 18.12
CA GLN C 6 22.00 -0.37 16.89
C GLN C 6 23.48 -0.53 17.18
N SER C 7 24.21 -1.03 16.19
CA SER C 7 25.65 -1.20 16.27
C SER C 7 26.27 -0.89 14.90
N PRO C 8 27.26 0.01 14.82
CA PRO C 8 27.77 0.82 15.94
C PRO C 8 26.88 2.02 16.26
N ALA C 9 27.25 2.78 17.29
CA ALA C 9 26.59 4.04 17.63
C ALA C 9 27.23 5.24 16.92
N SER C 10 28.49 5.10 16.48
CA SER C 10 29.19 6.12 15.71
C SER C 10 30.06 5.45 14.64
N LEU C 11 30.06 6.01 13.44
CA LEU C 11 30.66 5.37 12.26
C LEU C 11 31.32 6.39 11.34
N ALA C 12 32.49 6.04 10.79
CA ALA C 12 33.24 6.90 9.88
C ALA C 12 33.69 6.13 8.63
N VAL C 13 33.18 6.53 7.47
CA VAL C 13 33.39 5.83 6.19
C VAL C 13 33.83 6.82 5.11
N SER C 14 34.82 6.45 4.30
CA SER C 14 35.28 7.30 3.19
C SER C 14 34.40 7.12 1.95
N LEU C 15 34.53 8.05 1.00
CA LEU C 15 33.69 8.07 -0.21
C LEU C 15 33.85 6.82 -1.07
N GLY C 16 32.72 6.37 -1.63
CA GLY C 16 32.68 5.17 -2.45
C GLY C 16 32.84 3.85 -1.72
N GLN C 17 32.68 3.87 -0.39
CA GLN C 17 32.88 2.68 0.44
C GLN C 17 31.60 2.24 1.14
N ARG C 18 31.61 1.01 1.65
CA ARG C 18 30.46 0.40 2.31
C ARG C 18 30.28 0.96 3.72
N ALA C 19 29.07 1.47 3.99
CA ALA C 19 28.61 1.70 5.36
C ALA C 19 27.65 0.57 5.70
N THR C 20 27.68 0.12 6.96
CA THR C 20 26.84 -0.99 7.41
C THR C 20 26.40 -0.74 8.86
N ILE C 21 25.09 -0.79 9.10
CA ILE C 21 24.51 -0.51 10.42
C ILE C 21 23.58 -1.65 10.81
N SER C 22 23.80 -2.23 11.98
CA SER C 22 23.00 -3.35 12.50
C SER C 22 21.87 -2.86 13.39
N CYS C 23 20.87 -3.71 13.60
CA CYS C 23 19.79 -3.46 14.57
C CYS C 23 19.28 -4.78 15.14
N LYS C 24 19.87 -5.19 16.26
CA LYS C 24 19.42 -6.37 17.01
C LYS C 24 18.18 -6.01 17.83
N ALA C 25 17.26 -6.96 17.97
CA ALA C 25 16.00 -6.75 18.69
C ALA C 25 15.76 -7.82 19.76
N SER C 26 15.12 -7.43 20.86
CA SER C 26 14.80 -8.34 21.96
C SER C 26 13.75 -9.39 21.60
N GLN C 27 12.84 -9.02 20.69
CA GLN C 27 11.81 -9.93 20.20
C GLN C 27 11.68 -9.82 18.68
N SER C 28 10.92 -10.74 18.09
CA SER C 28 10.72 -10.79 16.64
C SER C 28 10.01 -9.53 16.13
N VAL C 29 10.59 -8.91 15.10
CA VAL C 29 10.01 -7.78 14.40
C VAL C 29 9.12 -8.25 13.24
N ASP C 30 9.45 -9.41 12.67
CA ASP C 30 8.57 -10.07 11.71
C ASP C 30 7.38 -10.72 12.41
N TYR C 31 6.27 -10.82 11.69
CA TYR C 31 5.12 -11.62 12.12
C TYR C 31 4.57 -12.40 10.93
N ASP C 32 4.77 -13.71 10.95
CA ASP C 32 4.19 -14.63 9.96
C ASP C 32 4.60 -14.27 8.52
N GLY C 33 5.90 -14.12 8.32
CA GLY C 33 6.46 -13.77 7.02
C GLY C 33 6.21 -12.33 6.56
N ASP C 34 5.92 -11.43 7.50
CA ASP C 34 5.73 -10.01 7.20
C ASP C 34 6.61 -9.19 8.12
N SER C 35 7.64 -8.57 7.56
CA SER C 35 8.54 -7.72 8.32
C SER C 35 7.90 -6.38 8.62
N TYR C 36 7.94 -5.96 9.89
CA TYR C 36 7.55 -4.61 10.30
C TYR C 36 8.77 -3.88 10.86
N MET C 37 9.85 -3.92 10.10
CA MET C 37 11.13 -3.30 10.45
C MET C 37 11.34 -2.12 9.51
N ASN C 38 11.81 -0.98 10.03
CA ASN C 38 11.89 0.25 9.22
C ASN C 38 13.17 1.03 9.54
N TRP C 39 13.76 1.63 8.51
CA TRP C 39 14.98 2.43 8.62
C TRP C 39 14.72 3.89 8.25
N TYR C 40 15.38 4.81 8.97
CA TYR C 40 15.20 6.25 8.79
C TYR C 40 16.53 6.99 8.73
N GLN C 41 16.54 8.09 8.00
CA GLN C 41 17.68 9.01 7.94
C GLN C 41 17.25 10.35 8.53
N GLN C 42 18.13 10.98 9.32
CA GLN C 42 17.87 12.30 9.86
C GLN C 42 19.08 13.21 9.71
N LYS C 43 19.02 14.08 8.70
CA LYS C 43 19.93 15.22 8.59
C LYS C 43 19.48 16.31 9.56
N PRO C 44 20.41 17.18 10.00
CA PRO C 44 20.04 18.20 10.99
C PRO C 44 19.06 19.22 10.43
N GLY C 45 18.09 19.63 11.26
CA GLY C 45 17.06 20.60 10.88
C GLY C 45 15.77 19.94 10.42
N GLN C 46 15.90 19.04 9.45
CA GLN C 46 14.76 18.28 8.91
C GLN C 46 14.32 17.17 9.88
N PRO C 47 13.08 16.65 9.71
CA PRO C 47 12.63 15.49 10.48
C PRO C 47 13.26 14.17 10.00
N PRO C 48 12.97 13.04 10.69
CA PRO C 48 13.37 11.73 10.18
C PRO C 48 12.65 11.35 8.89
N GLN C 49 13.40 10.82 7.92
CA GLN C 49 12.90 10.51 6.59
C GLN C 49 12.91 8.99 6.38
N LEU C 50 11.75 8.39 6.09
CA LEU C 50 11.64 6.94 5.88
C LEU C 50 12.51 6.49 4.71
N LEU C 51 13.43 5.58 5.01
CA LEU C 51 14.48 5.15 4.08
C LEU C 51 14.08 3.82 3.43
N ILE C 52 13.88 2.82 4.27
CA ILE C 52 13.47 1.49 3.86
C ILE C 52 12.44 0.99 4.89
N TYR C 53 11.39 0.32 4.40
CA TYR C 53 10.36 -0.24 5.26
C TYR C 53 10.28 -1.74 5.02
N ALA C 54 9.66 -2.47 5.97
CA ALA C 54 9.74 -3.94 6.02
C ALA C 54 11.23 -4.39 6.06
N ALA C 55 11.60 -5.48 5.40
CA ALA C 55 13.02 -5.85 5.36
C ALA C 55 13.77 -4.95 4.37
N SER C 56 13.36 -5.04 3.10
CA SER C 56 14.12 -4.55 1.98
C SER C 56 13.42 -3.52 1.09
N ASN C 57 12.18 -3.13 1.42
CA ASN C 57 11.37 -2.30 0.52
C ASN C 57 11.81 -0.84 0.54
N LEU C 58 12.30 -0.37 -0.59
CA LEU C 58 12.88 0.96 -0.73
C LEU C 58 11.79 2.01 -1.00
N GLU C 59 11.75 3.05 -0.17
CA GLU C 59 10.83 4.19 -0.35
C GLU C 59 11.34 5.04 -1.52
N SER C 60 10.43 5.68 -2.26
CA SER C 60 10.83 6.50 -3.42
C SER C 60 11.51 7.79 -2.98
N GLY C 61 12.39 8.30 -3.85
CA GLY C 61 13.25 9.44 -3.51
C GLY C 61 14.60 9.02 -2.95
N ILE C 62 14.68 7.81 -2.40
CA ILE C 62 15.90 7.26 -1.83
C ILE C 62 16.57 6.46 -2.96
N PRO C 63 17.87 6.72 -3.22
CA PRO C 63 18.54 6.00 -4.31
C PRO C 63 18.86 4.55 -3.96
N ALA C 64 19.01 3.72 -4.99
CA ALA C 64 19.27 2.28 -4.83
C ALA C 64 20.62 1.93 -4.17
N ARG C 65 21.45 2.94 -3.92
CA ARG C 65 22.67 2.81 -3.13
C ARG C 65 22.39 2.32 -1.70
N PHE C 66 21.21 2.66 -1.18
CA PHE C 66 20.71 2.12 0.08
C PHE C 66 20.08 0.74 -0.13
N SER C 67 20.17 -0.10 0.89
CA SER C 67 19.56 -1.44 0.87
C SER C 67 19.37 -1.99 2.29
N GLY C 68 18.34 -2.81 2.45
CA GLY C 68 17.99 -3.42 3.74
C GLY C 68 17.88 -4.92 3.63
N SER C 69 18.21 -5.62 4.72
CA SER C 69 18.19 -7.08 4.74
C SER C 69 18.06 -7.62 6.16
N GLY C 70 17.87 -8.94 6.26
CA GLY C 70 17.76 -9.64 7.55
C GLY C 70 16.34 -10.08 7.85
N SER C 71 16.19 -10.80 8.95
CA SER C 71 14.88 -11.30 9.40
C SER C 71 14.86 -11.54 10.91
N GLY C 72 13.65 -11.78 11.43
CA GLY C 72 13.42 -12.03 12.85
C GLY C 72 13.87 -10.88 13.75
N THR C 73 15.03 -11.07 14.37
CA THR C 73 15.62 -10.07 15.28
C THR C 73 16.86 -9.35 14.70
N ASP C 74 17.58 -9.99 13.78
CA ASP C 74 18.81 -9.42 13.22
C ASP C 74 18.52 -8.75 11.87
N PHE C 75 18.87 -7.48 11.75
CA PHE C 75 18.67 -6.69 10.53
C PHE C 75 19.88 -5.81 10.23
N THR C 76 20.05 -5.49 8.94
CA THR C 76 21.21 -4.75 8.45
C THR C 76 20.78 -3.65 7.46
N LEU C 77 21.48 -2.52 7.50
CA LEU C 77 21.28 -1.41 6.55
C LEU C 77 22.61 -1.09 5.88
N ASN C 78 22.71 -1.37 4.58
CA ASN C 78 23.94 -1.12 3.81
C ASN C 78 23.80 0.12 2.95
N ILE C 79 24.91 0.86 2.81
CA ILE C 79 25.00 2.02 1.90
C ILE C 79 26.28 1.86 1.08
N HIS C 80 26.14 1.80 -0.25
CA HIS C 80 27.28 1.59 -1.15
C HIS C 80 26.89 1.95 -2.60
N PRO C 81 27.56 2.89 -3.25
CA PRO C 81 28.66 3.70 -2.70
C PRO C 81 28.18 4.81 -1.75
N VAL C 82 28.97 5.10 -0.73
CA VAL C 82 28.70 6.21 0.18
C VAL C 82 29.13 7.53 -0.49
N GLU C 83 28.28 8.55 -0.36
CA GLU C 83 28.53 9.87 -0.95
C GLU C 83 28.33 10.97 0.09
N GLU C 84 28.74 12.19 -0.27
CA GLU C 84 28.77 13.33 0.67
C GLU C 84 27.40 13.64 1.30
N GLU C 85 26.33 13.46 0.52
CA GLU C 85 24.96 13.69 0.99
C GLU C 85 24.43 12.68 2.00
N ASP C 86 25.16 11.59 2.28
CA ASP C 86 24.71 10.57 3.25
C ASP C 86 25.10 10.85 4.71
N ALA C 87 25.75 11.98 4.98
CA ALA C 87 26.10 12.37 6.35
C ALA C 87 24.85 12.71 7.17
N ALA C 88 24.50 11.83 8.09
CA ALA C 88 23.31 11.99 8.94
C ALA C 88 23.27 10.94 10.06
N THR C 89 22.26 11.03 10.91
CA THR C 89 22.00 9.99 11.92
C THR C 89 20.94 9.01 11.38
N TYR C 90 21.15 7.72 11.63
CA TYR C 90 20.29 6.65 11.10
C TYR C 90 19.64 5.85 12.24
N TYR C 91 18.32 5.68 12.17
CA TYR C 91 17.53 4.98 13.19
C TYR C 91 16.85 3.74 12.61
N CYS C 92 16.77 2.66 13.40
CA CYS C 92 15.84 1.56 13.13
C CYS C 92 14.57 1.74 13.95
N GLN C 93 13.52 1.01 13.57
CA GLN C 93 12.20 1.16 14.19
C GLN C 93 11.31 -0.04 13.84
N GLN C 94 10.52 -0.49 14.81
CA GLN C 94 9.63 -1.65 14.63
C GLN C 94 8.16 -1.26 14.75
N SER C 95 7.33 -1.78 13.85
CA SER C 95 5.87 -1.55 13.85
C SER C 95 5.12 -2.87 14.02
N ASN C 96 5.67 -3.77 14.84
CA ASN C 96 5.10 -5.10 15.06
C ASN C 96 4.25 -5.17 16.32
N GLU C 97 4.73 -4.56 17.41
CA GLU C 97 4.10 -4.65 18.73
C GLU C 97 4.23 -3.33 19.48
N ASP C 98 3.30 -3.07 20.40
CA ASP C 98 3.30 -1.83 21.21
C ASP C 98 4.32 -1.90 22.37
N PRO C 99 4.96 -0.79 22.73
CA PRO C 99 4.92 0.48 21.99
C PRO C 99 5.74 0.40 20.72
N TRP C 100 5.43 1.24 19.73
CA TRP C 100 6.28 1.35 18.54
C TRP C 100 7.59 1.97 19.01
N THR C 101 8.68 1.21 18.90
CA THR C 101 9.97 1.61 19.47
C THR C 101 10.95 1.98 18.36
N PHE C 102 11.88 2.88 18.69
CA PHE C 102 12.96 3.30 17.79
C PHE C 102 14.30 2.83 18.35
N GLY C 103 15.31 2.80 17.49
CA GLY C 103 16.69 2.55 17.90
C GLY C 103 17.28 3.80 18.55
N GLY C 104 18.46 3.64 19.14
CA GLY C 104 19.13 4.73 19.86
C GLY C 104 19.68 5.82 18.96
N GLY C 105 20.32 5.41 17.86
CA GLY C 105 20.88 6.33 16.87
C GLY C 105 22.24 5.86 16.38
N THR C 106 22.55 6.14 15.12
CA THR C 106 23.89 5.88 14.56
C THR C 106 24.32 7.02 13.64
N ASN C 107 25.30 7.80 14.08
CA ASN C 107 25.82 8.94 13.29
C ASN C 107 26.79 8.43 12.24
N LEU C 108 26.59 8.87 10.99
CA LEU C 108 27.48 8.51 9.89
C LEU C 108 28.35 9.71 9.51
N GLU C 109 29.64 9.60 9.77
CA GLU C 109 30.63 10.61 9.37
C GLU C 109 31.22 10.20 8.02
N ILE C 110 31.26 11.13 7.07
CA ILE C 110 31.93 10.92 5.79
C ILE C 110 33.35 11.48 5.89
N LYS C 111 34.35 10.65 5.59
CA LYS C 111 35.75 11.08 5.66
C LYS C 111 36.11 12.02 4.52
N ARG C 112 37.21 12.73 4.70
CA ARG C 112 37.57 13.87 3.85
C ARG C 112 39.08 14.10 3.90
N ALA C 113 39.60 14.84 2.92
CA ALA C 113 40.93 15.43 3.02
C ALA C 113 40.87 16.49 4.13
N ASP C 114 41.88 16.53 4.99
CA ASP C 114 41.88 17.42 6.16
C ASP C 114 41.92 18.89 5.73
N ALA C 115 41.27 19.75 6.51
CA ALA C 115 41.21 21.18 6.22
C ALA C 115 41.30 21.98 7.52
N ALA C 116 42.17 22.99 7.53
CA ALA C 116 42.29 23.89 8.68
C ALA C 116 41.09 24.85 8.71
N PRO C 117 40.71 25.32 9.91
CA PRO C 117 39.58 26.24 10.03
C PRO C 117 39.89 27.66 9.53
N THR C 118 38.88 28.32 8.96
CA THR C 118 38.95 29.73 8.61
C THR C 118 38.50 30.53 9.83
N VAL C 119 39.46 31.05 10.58
CA VAL C 119 39.17 31.73 11.85
C VAL C 119 38.88 33.21 11.59
N SER C 120 37.84 33.72 12.26
CA SER C 120 37.37 35.10 12.07
C SER C 120 36.99 35.72 13.42
N ILE C 121 37.78 36.71 13.86
CA ILE C 121 37.56 37.38 15.15
C ILE C 121 36.61 38.58 14.98
N PHE C 122 35.65 38.69 15.90
CA PHE C 122 34.63 39.76 15.87
C PHE C 122 34.56 40.45 17.23
N PRO C 123 34.88 41.76 17.29
CA PRO C 123 34.67 42.50 18.54
C PRO C 123 33.19 42.69 18.89
N PRO C 124 32.89 43.09 20.15
CA PRO C 124 31.51 43.37 20.52
C PRO C 124 31.00 44.66 19.86
N SER C 125 29.78 44.61 19.32
CA SER C 125 29.21 45.76 18.61
C SER C 125 28.88 46.92 19.55
N SER C 126 28.72 48.11 18.97
CA SER C 126 28.45 49.34 19.74
C SER C 126 27.11 49.31 20.48
N GLU C 127 26.13 48.58 19.94
CA GLU C 127 24.81 48.43 20.57
C GLU C 127 24.87 47.64 21.88
N GLN C 128 25.68 46.58 21.91
CA GLN C 128 25.89 45.77 23.12
C GLN C 128 26.60 46.54 24.23
N LEU C 129 27.51 47.43 23.84
CA LEU C 129 28.29 48.24 24.78
C LEU C 129 27.50 49.35 25.49
N THR C 130 26.34 49.73 24.94
CA THR C 130 25.43 50.68 25.63
C THR C 130 24.80 50.02 26.87
N SER C 131 24.41 48.75 26.72
CA SER C 131 24.02 47.91 27.86
C SER C 131 25.28 47.41 28.59
N GLY C 132 25.08 46.83 29.78
CA GLY C 132 26.20 46.36 30.61
C GLY C 132 26.73 45.00 30.19
N GLY C 133 27.43 44.97 29.05
CA GLY C 133 27.97 43.71 28.53
C GLY C 133 28.84 43.85 27.29
N ALA C 134 29.67 42.84 27.05
CA ALA C 134 30.57 42.81 25.90
C ALA C 134 30.95 41.37 25.56
N SER C 135 30.57 40.91 24.36
CA SER C 135 30.83 39.55 23.91
C SER C 135 31.75 39.56 22.69
N VAL C 136 32.93 38.96 22.84
CA VAL C 136 33.86 38.75 21.73
C VAL C 136 33.51 37.40 21.11
N VAL C 137 33.33 37.38 19.78
CA VAL C 137 32.92 36.18 19.05
C VAL C 137 34.05 35.74 18.10
N CYS C 138 34.24 34.42 18.00
CA CYS C 138 35.28 33.83 17.15
C CYS C 138 34.71 32.60 16.43
N PHE C 139 34.39 32.77 15.13
CA PHE C 139 33.91 31.67 14.30
C PHE C 139 35.08 30.90 13.70
N LEU C 140 35.02 29.57 13.77
CA LEU C 140 36.02 28.67 13.18
C LEU C 140 35.32 27.79 12.15
N ASN C 141 35.30 28.23 10.89
CA ASN C 141 34.46 27.61 9.86
C ASN C 141 35.20 26.62 8.96
N ASN C 142 34.48 25.59 8.53
CA ASN C 142 34.91 24.66 7.47
C ASN C 142 36.23 23.96 7.75
N PHE C 143 36.18 22.97 8.65
CA PHE C 143 37.36 22.18 9.00
C PHE C 143 37.04 20.69 9.16
N TYR C 144 38.07 19.86 9.00
CA TYR C 144 38.00 18.42 9.24
C TYR C 144 39.38 17.95 9.75
N PRO C 145 39.48 17.07 10.76
CA PRO C 145 38.33 16.41 11.45
C PRO C 145 37.58 17.30 12.45
N LYS C 146 36.60 16.72 13.12
CA LYS C 146 35.74 17.44 14.08
C LYS C 146 36.44 17.90 15.36
N ASP C 147 37.56 17.27 15.72
CA ASP C 147 38.28 17.57 16.97
C ASP C 147 38.97 18.93 16.89
N ILE C 148 38.67 19.81 17.84
CA ILE C 148 39.25 21.16 17.89
C ILE C 148 39.14 21.78 19.29
N ASN C 149 40.14 22.57 19.67
CA ASN C 149 40.13 23.31 20.94
C ASN C 149 40.33 24.79 20.68
N VAL C 150 39.50 25.62 21.32
CA VAL C 150 39.63 27.08 21.26
C VAL C 150 40.10 27.61 22.62
N LYS C 151 41.20 28.35 22.59
CA LYS C 151 41.77 28.99 23.77
C LYS C 151 41.58 30.50 23.61
N TRP C 152 40.84 31.12 24.52
CA TRP C 152 40.71 32.58 24.58
C TRP C 152 41.88 33.19 25.35
N LYS C 153 42.22 34.43 25.02
CA LYS C 153 43.32 35.15 25.68
C LYS C 153 43.07 36.67 25.77
N ILE C 154 43.38 37.25 26.92
CA ILE C 154 43.25 38.69 27.15
C ILE C 154 44.60 39.23 27.64
N ASP C 155 45.26 40.04 26.80
CA ASP C 155 46.61 40.57 27.06
C ASP C 155 47.62 39.45 27.39
N GLY C 156 47.54 38.35 26.65
CA GLY C 156 48.46 37.22 26.80
C GLY C 156 48.04 36.11 27.76
N SER C 157 47.15 36.40 28.71
CA SER C 157 46.69 35.43 29.71
C SER C 157 45.35 34.84 29.33
N GLU C 158 45.14 33.55 29.63
CA GLU C 158 43.90 32.85 29.29
C GLU C 158 42.73 33.29 30.16
N ARG C 159 41.52 32.97 29.69
CA ARG C 159 40.30 33.16 30.49
C ARG C 159 39.28 32.06 30.18
N GLN C 160 38.92 31.29 31.20
CA GLN C 160 37.96 30.18 31.08
C GLN C 160 36.50 30.59 31.37
N ASN C 161 36.31 31.63 32.18
CA ASN C 161 34.97 32.07 32.59
C ASN C 161 34.24 32.79 31.44
N GLY C 162 32.94 32.49 31.30
CA GLY C 162 32.11 33.10 30.26
C GLY C 162 32.38 32.65 28.84
N VAL C 163 33.05 31.51 28.68
CA VAL C 163 33.37 30.99 27.34
C VAL C 163 32.27 30.01 26.95
N LEU C 164 31.57 30.32 25.86
CA LEU C 164 30.41 29.57 25.41
C LEU C 164 30.59 29.08 23.96
N ASN C 165 30.69 27.76 23.80
CA ASN C 165 31.02 27.14 22.51
C ASN C 165 29.84 26.33 21.94
N SER C 166 29.78 26.27 20.61
CA SER C 166 28.77 25.47 19.89
C SER C 166 29.34 24.91 18.59
N TRP C 167 28.91 23.70 18.24
CA TRP C 167 29.40 22.98 17.07
C TRP C 167 28.24 22.65 16.12
N THR C 168 28.46 22.82 14.83
CA THR C 168 27.52 22.33 13.82
C THR C 168 27.80 20.87 13.53
N ASN C 169 26.83 20.21 12.93
CA ASN C 169 27.00 18.85 12.40
C ASN C 169 27.80 18.91 11.11
N GLN C 170 28.20 17.73 10.63
CA GLN C 170 28.95 17.63 9.38
C GLN C 170 28.10 18.11 8.20
N ASP C 171 28.70 18.91 7.33
CA ASP C 171 28.01 19.52 6.19
C ASP C 171 27.74 18.47 5.12
N SER C 172 26.54 18.51 4.53
CA SER C 172 26.15 17.54 3.49
C SER C 172 26.79 17.79 2.12
N LYS C 173 27.23 19.02 1.86
CA LYS C 173 27.90 19.35 0.60
C LYS C 173 29.39 19.04 0.64
N ASP C 174 30.13 19.75 1.50
CA ASP C 174 31.61 19.68 1.54
C ASP C 174 32.21 18.88 2.71
N SER C 175 31.38 18.18 3.49
CA SER C 175 31.83 17.22 4.51
C SER C 175 32.64 17.79 5.69
N THR C 176 32.58 19.10 5.91
CA THR C 176 33.35 19.77 6.97
C THR C 176 32.49 20.08 8.18
N TYR C 177 33.15 20.39 9.29
CA TYR C 177 32.50 20.88 10.51
C TYR C 177 32.84 22.35 10.71
N SER C 178 32.03 23.01 11.54
CA SER C 178 32.28 24.39 11.95
C SER C 178 32.03 24.53 13.45
N MET C 179 32.42 25.67 14.01
CA MET C 179 32.27 25.93 15.44
C MET C 179 32.17 27.42 15.72
N SER C 180 31.34 27.78 16.71
CA SER C 180 31.27 29.12 17.27
C SER C 180 31.87 29.13 18.66
N SER C 181 32.35 30.30 19.08
CA SER C 181 32.89 30.50 20.43
C SER C 181 32.70 31.96 20.81
N THR C 182 31.97 32.22 21.91
CA THR C 182 31.64 33.58 22.31
C THR C 182 32.04 33.83 23.78
N LEU C 183 33.14 34.57 23.95
CA LEU C 183 33.62 34.96 25.28
C LEU C 183 32.75 36.06 25.85
N THR C 184 31.78 35.68 26.68
CA THR C 184 30.88 36.64 27.33
C THR C 184 31.58 37.25 28.54
N LEU C 185 31.45 38.57 28.68
CA LEU C 185 32.25 39.36 29.61
C LEU C 185 31.53 40.66 29.97
N THR C 186 31.86 41.23 31.13
CA THR C 186 31.29 42.51 31.55
C THR C 186 31.88 43.67 30.77
N LYS C 187 31.14 44.78 30.71
CA LYS C 187 31.59 45.99 30.00
C LYS C 187 32.83 46.61 30.62
N ASP C 188 32.87 46.66 31.96
CA ASP C 188 34.00 47.25 32.68
C ASP C 188 35.28 46.43 32.52
N GLU C 189 35.17 45.11 32.62
CA GLU C 189 36.31 44.21 32.43
C GLU C 189 36.83 44.21 30.99
N TYR C 190 35.94 44.47 30.02
CA TYR C 190 36.34 44.61 28.61
C TYR C 190 37.22 45.84 28.39
N GLU C 191 36.82 46.97 28.96
CA GLU C 191 37.54 48.25 28.77
C GLU C 191 38.88 48.33 29.53
N ARG C 192 39.03 47.55 30.61
CA ARG C 192 40.29 47.54 31.38
C ARG C 192 41.47 46.83 30.67
N HIS C 193 41.17 45.96 29.71
CA HIS C 193 42.18 45.23 28.95
C HIS C 193 42.20 45.64 27.47
N ASN C 194 43.38 45.55 26.86
CA ASN C 194 43.62 46.06 25.49
C ASN C 194 43.36 45.04 24.39
N SER C 195 44.20 44.00 24.30
CA SER C 195 44.17 43.04 23.19
C SER C 195 43.38 41.76 23.51
N TYR C 196 42.77 41.19 22.47
CA TYR C 196 41.93 39.99 22.58
C TYR C 196 42.23 39.01 21.46
N THR C 197 42.36 37.72 21.80
CA THR C 197 42.84 36.69 20.88
C THR C 197 42.14 35.35 21.11
N CYS C 198 41.65 34.73 20.04
CA CYS C 198 41.24 33.31 20.05
C CYS C 198 42.29 32.50 19.29
N GLU C 199 42.73 31.40 19.90
CA GLU C 199 43.69 30.48 19.28
C GLU C 199 43.01 29.14 19.01
N ALA C 200 43.38 28.50 17.91
CA ALA C 200 42.77 27.24 17.49
C ALA C 200 43.84 26.18 17.19
N THR C 201 44.02 25.22 18.11
CA THR C 201 44.83 24.04 17.85
C THR C 201 44.00 23.02 17.08
N HIS C 202 44.63 22.38 16.09
CA HIS C 202 43.95 21.45 15.18
C HIS C 202 44.93 20.39 14.70
N LYS C 203 44.41 19.29 14.15
CA LYS C 203 45.24 18.23 13.55
C LYS C 203 46.09 18.71 12.37
N THR C 204 45.57 19.70 11.63
CA THR C 204 46.23 20.23 10.43
C THR C 204 47.48 21.09 10.70
N SER C 205 47.71 21.50 11.95
CA SER C 205 48.92 22.23 12.32
C SER C 205 49.27 22.06 13.80
N THR C 206 50.55 21.77 14.08
CA THR C 206 51.02 21.58 15.47
C THR C 206 50.95 22.88 16.27
N SER C 207 51.34 24.00 15.64
CA SER C 207 51.19 25.33 16.22
C SER C 207 49.78 25.88 15.96
N PRO C 208 49.23 26.68 16.90
CA PRO C 208 47.84 27.13 16.80
C PRO C 208 47.60 28.21 15.74
N ILE C 209 46.39 28.23 15.18
CA ILE C 209 45.95 29.27 14.24
C ILE C 209 45.40 30.44 15.07
N VAL C 210 46.06 31.59 14.97
CA VAL C 210 45.77 32.76 15.81
C VAL C 210 45.11 33.87 15.00
N LYS C 211 44.06 34.46 15.56
CA LYS C 211 43.43 35.67 15.04
C LYS C 211 43.09 36.61 16.21
N SER C 212 43.58 37.85 16.13
CA SER C 212 43.49 38.81 17.23
C SER C 212 42.97 40.17 16.77
N PHE C 213 42.47 40.96 17.72
CA PHE C 213 42.15 42.36 17.47
C PHE C 213 42.56 43.21 18.68
N ASN C 214 43.01 44.42 18.41
CA ASN C 214 43.33 45.40 19.43
C ASN C 214 42.12 46.34 19.57
N ARG C 215 41.75 46.62 20.81
CA ARG C 215 40.63 47.51 21.10
C ARG C 215 40.97 48.93 20.66
N ASN C 216 40.04 49.58 19.95
CA ASN C 216 40.23 50.88 19.27
C ASN C 216 41.40 50.86 18.28
N HIS D 13 -40.56 -49.80 3.90
CA HIS D 13 -39.17 -49.86 3.36
C HIS D 13 -39.02 -49.22 1.97
N PHE D 14 -40.06 -49.33 1.13
CA PHE D 14 -40.10 -48.64 -0.16
C PHE D 14 -40.13 -47.12 0.02
N LEU D 15 -40.97 -46.65 0.95
CA LEU D 15 -41.07 -45.21 1.26
C LEU D 15 -39.88 -44.68 2.07
N GLN D 16 -39.19 -45.58 2.81
CA GLN D 16 -38.00 -45.21 3.57
C GLN D 16 -36.84 -44.81 2.67
N ASN D 17 -36.49 -45.69 1.73
CA ASN D 17 -35.44 -45.41 0.74
C ASN D 17 -35.84 -44.28 -0.21
N ALA D 18 -37.14 -44.18 -0.48
CA ALA D 18 -37.72 -43.10 -1.29
C ALA D 18 -37.41 -41.70 -0.73
N LEU D 19 -37.69 -41.51 0.56
CA LEU D 19 -37.55 -40.20 1.21
C LEU D 19 -36.09 -39.75 1.28
N ILE D 20 -35.23 -40.61 1.84
CA ILE D 20 -33.82 -40.28 2.04
C ILE D 20 -33.02 -40.09 0.74
N THR D 21 -33.38 -40.81 -0.32
CA THR D 21 -32.77 -40.63 -1.65
C THR D 21 -33.22 -39.30 -2.28
N ALA D 22 -34.50 -38.97 -2.14
CA ALA D 22 -35.05 -37.72 -2.68
C ALA D 22 -34.50 -36.47 -1.98
N ILE D 23 -34.16 -36.58 -0.70
CA ILE D 23 -33.61 -35.46 0.08
C ILE D 23 -32.18 -35.12 -0.37
N VAL D 24 -31.30 -36.12 -0.40
CA VAL D 24 -29.89 -35.89 -0.78
C VAL D 24 -29.70 -35.50 -2.26
N VAL D 25 -30.60 -35.99 -3.12
CA VAL D 25 -30.65 -35.53 -4.52
C VAL D 25 -31.02 -34.04 -4.59
N GLY D 26 -32.02 -33.63 -3.81
CA GLY D 26 -32.41 -32.23 -3.71
C GLY D 26 -31.33 -31.32 -3.14
N ILE D 27 -30.56 -31.84 -2.18
CA ILE D 27 -29.46 -31.10 -1.56
C ILE D 27 -28.31 -30.86 -2.55
N VAL D 28 -27.80 -31.94 -3.14
CA VAL D 28 -26.64 -31.86 -4.05
C VAL D 28 -26.95 -31.24 -5.42
N ALA D 29 -28.21 -31.35 -5.87
CA ALA D 29 -28.66 -30.66 -7.09
C ALA D 29 -28.76 -29.15 -6.87
N GLY D 30 -29.26 -28.75 -5.70
CA GLY D 30 -29.31 -27.34 -5.31
C GLY D 30 -27.94 -26.73 -5.05
N ALA D 31 -27.02 -27.53 -4.52
CA ALA D 31 -25.64 -27.07 -4.27
C ALA D 31 -24.89 -26.82 -5.58
N VAL D 32 -24.91 -27.81 -6.46
CA VAL D 32 -24.26 -27.73 -7.77
C VAL D 32 -25.01 -26.76 -8.69
N GLY D 33 -26.32 -26.64 -8.49
CA GLY D 33 -27.15 -25.69 -9.26
C GLY D 33 -26.77 -24.23 -9.13
N CYS D 34 -26.31 -23.84 -7.93
CA CYS D 34 -25.82 -22.48 -7.67
C CYS D 34 -24.74 -22.03 -8.63
N PHE D 35 -23.75 -22.88 -8.84
CA PHE D 35 -22.64 -22.58 -9.75
C PHE D 35 -23.09 -22.53 -11.20
N ILE D 36 -24.10 -23.32 -11.55
CA ILE D 36 -24.62 -23.39 -12.92
C ILE D 36 -25.32 -22.08 -13.34
N ILE D 37 -26.22 -21.56 -12.50
CA ILE D 37 -26.92 -20.30 -12.83
C ILE D 37 -26.03 -19.06 -12.78
N LEU D 38 -25.01 -19.06 -11.92
CA LEU D 38 -24.09 -17.93 -11.79
C LEU D 38 -23.11 -17.87 -12.97
N ARG D 39 -22.52 -19.01 -13.32
CA ARG D 39 -21.66 -19.11 -14.49
C ARG D 39 -22.42 -19.06 -15.84
N GLY D 40 -23.73 -19.27 -15.79
CA GLY D 40 -24.57 -19.21 -16.99
C GLY D 40 -24.42 -20.46 -17.82
N MET D 41 -24.51 -21.62 -17.16
CA MET D 41 -24.36 -22.94 -17.79
C MET D 41 -25.68 -23.70 -17.81
N SER D 42 -26.81 -22.99 -17.68
CA SER D 42 -28.14 -23.62 -17.58
C SER D 42 -28.55 -24.36 -18.86
N LEU D 43 -28.16 -23.84 -20.01
CA LEU D 43 -28.46 -24.44 -21.31
C LEU D 43 -27.47 -25.57 -21.66
N MET D 44 -26.31 -25.59 -21.00
CA MET D 44 -25.40 -26.74 -21.04
C MET D 44 -25.84 -27.85 -20.07
N GLY D 45 -26.48 -27.47 -18.97
CA GLY D 45 -27.06 -28.43 -18.02
C GLY D 45 -28.21 -29.27 -18.59
N ASP D 46 -28.86 -28.77 -19.63
CA ASP D 46 -29.87 -29.53 -20.37
C ASP D 46 -29.21 -30.57 -21.28
N ALA D 47 -28.20 -30.14 -22.03
CA ALA D 47 -27.52 -31.00 -23.02
C ALA D 47 -26.73 -32.16 -22.40
N ILE D 48 -26.10 -31.91 -21.25
CA ILE D 48 -25.34 -32.96 -20.53
C ILE D 48 -26.23 -34.12 -20.07
N SER D 49 -27.50 -33.81 -19.75
CA SER D 49 -28.47 -34.79 -19.31
C SER D 49 -28.86 -35.75 -20.42
N HIS D 50 -29.06 -35.22 -21.62
CA HIS D 50 -29.36 -36.03 -22.81
C HIS D 50 -28.13 -36.83 -23.25
N ALA D 51 -26.93 -36.26 -23.08
CA ALA D 51 -25.68 -36.92 -23.45
C ALA D 51 -25.35 -38.15 -22.60
N VAL D 52 -25.73 -38.13 -21.32
CA VAL D 52 -25.45 -39.26 -20.41
C VAL D 52 -26.39 -40.47 -20.57
N LEU D 53 -27.52 -40.29 -21.27
CA LEU D 53 -28.53 -41.35 -21.39
C LEU D 53 -28.04 -42.61 -22.12
N PRO D 54 -27.30 -42.45 -23.23
CA PRO D 54 -26.60 -43.60 -23.83
C PRO D 54 -25.67 -44.33 -22.85
N GLY D 55 -24.87 -43.56 -22.09
CA GLY D 55 -23.97 -44.11 -21.09
C GLY D 55 -24.66 -44.94 -20.02
N VAL D 56 -25.78 -44.43 -19.52
CA VAL D 56 -26.62 -45.15 -18.57
C VAL D 56 -27.26 -46.39 -19.22
N ALA D 57 -27.66 -46.26 -20.49
CA ALA D 57 -28.25 -47.37 -21.24
C ALA D 57 -27.28 -48.53 -21.46
N LEU D 58 -26.04 -48.24 -21.88
CA LEU D 58 -25.00 -49.27 -22.03
C LEU D 58 -24.66 -49.93 -20.69
N SER D 59 -24.48 -49.11 -19.65
CA SER D 59 -24.14 -49.61 -18.32
C SER D 59 -25.29 -50.31 -17.61
N PHE D 60 -26.54 -50.02 -17.99
CA PHE D 60 -27.71 -50.74 -17.46
C PHE D 60 -27.85 -52.11 -18.14
N ILE D 61 -27.60 -52.18 -19.45
CA ILE D 61 -27.66 -53.43 -20.21
C ILE D 61 -26.47 -54.33 -19.83
N LEU D 62 -25.26 -53.78 -19.91
CA LEU D 62 -24.05 -54.50 -19.50
C LEU D 62 -23.92 -54.55 -17.98
N GLY D 63 -22.95 -55.32 -17.49
CA GLY D 63 -22.66 -55.42 -16.05
C GLY D 63 -21.66 -54.37 -15.62
N LEU D 64 -22.09 -53.10 -15.63
CA LEU D 64 -21.23 -51.95 -15.35
C LEU D 64 -21.94 -50.93 -14.47
N ASP D 65 -21.16 -50.10 -13.76
CA ASP D 65 -21.72 -49.03 -12.95
C ASP D 65 -22.13 -47.85 -13.85
N PHE D 66 -23.00 -47.00 -13.31
CA PHE D 66 -23.67 -45.97 -14.11
C PHE D 66 -22.84 -44.70 -14.33
N PHE D 67 -21.94 -44.38 -13.40
CA PHE D 67 -21.14 -43.16 -13.46
C PHE D 67 -20.08 -43.21 -14.57
N ILE D 68 -19.37 -44.33 -14.66
CA ILE D 68 -18.30 -44.52 -15.65
C ILE D 68 -18.89 -44.50 -17.06
N GLY D 69 -20.03 -45.16 -17.25
CA GLY D 69 -20.76 -45.11 -18.51
C GLY D 69 -21.20 -43.69 -18.88
N ALA D 70 -21.76 -42.98 -17.91
CA ALA D 70 -22.31 -41.63 -18.11
C ALA D 70 -21.25 -40.59 -18.49
N ILE D 71 -20.14 -40.56 -17.76
CA ILE D 71 -19.07 -39.59 -18.05
C ILE D 71 -18.36 -39.86 -19.38
N VAL D 72 -18.28 -41.13 -19.80
CA VAL D 72 -17.68 -41.49 -21.09
C VAL D 72 -18.49 -40.95 -22.26
N PHE D 73 -19.81 -41.15 -22.24
CA PHE D 73 -20.70 -40.60 -23.28
C PHE D 73 -20.91 -39.09 -23.17
N GLY D 74 -20.80 -38.55 -21.95
CA GLY D 74 -20.74 -37.10 -21.75
C GLY D 74 -19.47 -36.50 -22.34
N LEU D 75 -18.35 -37.21 -22.18
CA LEU D 75 -17.07 -36.84 -22.78
C LEU D 75 -17.10 -37.04 -24.30
N LEU D 76 -17.72 -38.13 -24.76
CA LEU D 76 -17.87 -38.44 -26.19
C LEU D 76 -18.77 -37.44 -26.91
N ALA D 77 -19.80 -36.94 -26.22
CA ALA D 77 -20.65 -35.86 -26.73
C ALA D 77 -19.90 -34.55 -26.87
N ALA D 78 -19.03 -34.25 -25.91
CA ALA D 78 -18.20 -33.03 -25.93
C ALA D 78 -17.15 -33.06 -27.06
N ILE D 79 -16.63 -34.25 -27.37
CA ILE D 79 -15.68 -34.43 -28.49
C ILE D 79 -16.37 -34.18 -29.83
N ILE D 80 -17.61 -34.65 -29.98
CA ILE D 80 -18.37 -34.47 -31.22
C ILE D 80 -18.81 -33.02 -31.42
N ILE D 81 -19.17 -32.33 -30.33
CA ILE D 81 -19.51 -30.90 -30.38
C ILE D 81 -18.31 -30.07 -30.82
N THR D 82 -17.17 -30.27 -30.16
CA THR D 82 -15.92 -29.56 -30.47
C THR D 82 -15.45 -29.81 -31.90
N TYR D 83 -15.67 -31.02 -32.41
CA TYR D 83 -15.31 -31.36 -33.80
C TYR D 83 -16.22 -30.68 -34.83
N ILE D 84 -17.53 -30.60 -34.54
CA ILE D 84 -18.50 -29.93 -35.42
C ILE D 84 -18.23 -28.42 -35.47
N LYS D 85 -18.03 -27.79 -34.29
CA LYS D 85 -17.71 -26.36 -34.21
C LYS D 85 -16.41 -26.01 -34.94
N GLY D 86 -15.40 -26.87 -34.80
CA GLY D 86 -14.09 -26.64 -35.40
C GLY D 86 -14.03 -26.78 -36.90
N ASN D 87 -14.62 -27.85 -37.43
CA ASN D 87 -14.47 -28.21 -38.85
C ASN D 87 -15.69 -27.86 -39.73
N SER D 88 -16.53 -26.92 -39.28
CA SER D 88 -17.65 -26.44 -40.10
C SER D 88 -18.14 -25.06 -39.65
N ILE D 89 -19.06 -24.49 -40.43
CA ILE D 89 -19.70 -23.20 -40.12
C ILE D 89 -20.92 -23.30 -39.18
N ILE D 90 -21.19 -24.49 -38.65
CA ILE D 90 -22.34 -24.72 -37.76
C ILE D 90 -22.06 -24.01 -36.43
N LYS D 91 -23.07 -23.28 -35.92
CA LYS D 91 -22.92 -22.52 -34.68
C LYS D 91 -22.89 -23.44 -33.46
N SER D 92 -22.43 -22.90 -32.34
CA SER D 92 -22.25 -23.66 -31.11
C SER D 92 -23.55 -24.25 -30.59
N ASP D 93 -24.58 -23.42 -30.49
CA ASP D 93 -25.90 -23.84 -29.97
C ASP D 93 -26.55 -24.93 -30.84
N THR D 94 -26.39 -24.81 -32.15
CA THR D 94 -26.88 -25.82 -33.10
C THR D 94 -26.16 -27.16 -32.92
N ALA D 95 -24.84 -27.11 -32.77
CA ALA D 95 -24.03 -28.32 -32.57
C ALA D 95 -24.32 -29.05 -31.25
N ILE D 96 -24.56 -28.27 -30.20
CA ILE D 96 -24.98 -28.82 -28.90
C ILE D 96 -26.37 -29.45 -29.03
N GLY D 97 -27.26 -28.77 -29.76
CA GLY D 97 -28.63 -29.24 -29.99
C GLY D 97 -28.75 -30.55 -30.75
N ILE D 98 -27.91 -30.71 -31.78
CA ILE D 98 -27.91 -31.92 -32.60
C ILE D 98 -27.38 -33.12 -31.80
N THR D 99 -26.23 -32.94 -31.16
CA THR D 99 -25.57 -34.02 -30.41
C THR D 99 -26.37 -34.44 -29.16
N SER D 100 -27.04 -33.50 -28.51
CA SER D 100 -27.88 -33.81 -27.35
C SER D 100 -29.14 -34.59 -27.77
N SER D 101 -29.84 -34.07 -28.76
CA SER D 101 -31.07 -34.71 -29.28
C SER D 101 -30.81 -36.06 -29.94
N SER D 102 -29.69 -36.16 -30.67
CA SER D 102 -29.27 -37.42 -31.30
C SER D 102 -28.88 -38.48 -30.26
N PHE D 103 -28.18 -38.07 -29.21
CA PHE D 103 -27.84 -38.96 -28.09
C PHE D 103 -29.08 -39.39 -27.30
N LEU D 104 -30.05 -38.48 -27.16
CA LEU D 104 -31.35 -38.82 -26.54
C LEU D 104 -32.09 -39.88 -27.35
N ALA D 105 -32.17 -39.68 -28.67
CA ALA D 105 -32.78 -40.66 -29.58
C ALA D 105 -32.04 -42.00 -29.57
N LEU D 106 -30.71 -41.93 -29.49
CA LEU D 106 -29.87 -43.13 -29.35
C LEU D 106 -30.20 -43.88 -28.06
N GLY D 107 -30.35 -43.14 -26.96
CA GLY D 107 -30.71 -43.71 -25.67
C GLY D 107 -32.07 -44.40 -25.62
N ILE D 108 -33.04 -43.90 -26.37
CA ILE D 108 -34.41 -44.45 -26.37
C ILE D 108 -34.48 -45.81 -27.08
N ILE D 109 -33.93 -45.90 -28.30
CA ILE D 109 -33.97 -47.16 -29.07
C ILE D 109 -33.07 -48.24 -28.48
N LEU D 110 -31.96 -47.82 -27.87
CA LEU D 110 -31.00 -48.76 -27.26
C LEU D 110 -31.56 -49.44 -26.01
N ILE D 111 -32.34 -48.70 -25.21
CA ILE D 111 -33.09 -49.28 -24.09
C ILE D 111 -34.29 -50.09 -24.59
N GLY D 112 -34.98 -49.57 -25.60
CA GLY D 112 -36.18 -50.21 -26.16
C GLY D 112 -35.98 -51.61 -26.70
N VAL D 113 -34.93 -51.81 -27.49
CA VAL D 113 -34.61 -53.14 -28.06
C VAL D 113 -34.11 -54.16 -27.03
N ALA D 114 -33.23 -53.73 -26.13
CA ALA D 114 -32.61 -54.63 -25.15
C ALA D 114 -33.52 -54.89 -23.95
N LYS D 115 -33.92 -53.82 -23.28
CA LYS D 115 -34.75 -53.89 -22.06
C LYS D 115 -36.23 -53.66 -22.37
N SER D 116 -37.07 -53.86 -21.36
CA SER D 116 -38.53 -53.82 -21.51
C SER D 116 -39.08 -52.40 -21.70
N SER D 117 -40.40 -52.32 -21.92
CA SER D 117 -41.10 -51.05 -22.18
C SER D 117 -41.15 -50.16 -20.94
N THR D 118 -41.49 -50.74 -19.79
CA THR D 118 -41.58 -50.00 -18.52
C THR D 118 -40.22 -49.57 -17.95
N ASP D 119 -39.13 -50.16 -18.42
CA ASP D 119 -37.78 -49.72 -18.06
C ASP D 119 -37.44 -48.33 -18.59
N LEU D 120 -37.97 -47.98 -19.78
CA LEU D 120 -37.78 -46.66 -20.37
C LEU D 120 -38.41 -45.54 -19.55
N PHE D 121 -39.56 -45.82 -18.93
CA PHE D 121 -40.29 -44.84 -18.14
C PHE D 121 -39.58 -44.47 -16.83
N HIS D 122 -38.88 -45.44 -16.22
CA HIS D 122 -38.17 -45.22 -14.95
C HIS D 122 -36.87 -44.41 -15.08
N ILE D 123 -36.30 -44.35 -16.29
CA ILE D 123 -35.05 -43.61 -16.54
C ILE D 123 -35.34 -42.17 -16.96
N LEU D 124 -36.27 -41.99 -17.88
CA LEU D 124 -36.61 -40.66 -18.42
C LEU D 124 -37.43 -39.79 -17.44
N PHE D 125 -38.24 -40.44 -16.60
CA PHE D 125 -38.99 -39.77 -15.51
C PHE D 125 -38.58 -40.37 -14.16
N GLY D 126 -39.18 -39.89 -13.07
CA GLY D 126 -38.80 -40.32 -11.72
C GLY D 126 -39.01 -41.80 -11.41
N ASN D 127 -38.33 -42.27 -10.37
CA ASN D 127 -38.49 -43.64 -9.86
C ASN D 127 -38.09 -43.69 -8.39
N ILE D 128 -38.80 -42.90 -7.59
CA ILE D 128 -38.55 -42.78 -6.15
C ILE D 128 -39.11 -43.97 -5.37
N LEU D 129 -40.33 -44.39 -5.73
CA LEU D 129 -41.04 -45.46 -5.01
C LEU D 129 -40.31 -46.81 -4.98
N ALA D 130 -39.49 -47.08 -6.01
CA ALA D 130 -38.69 -48.31 -6.07
C ALA D 130 -37.20 -48.00 -6.20
N VAL D 131 -36.55 -47.82 -5.05
CA VAL D 131 -35.10 -47.58 -4.98
C VAL D 131 -34.49 -48.63 -4.06
N GLN D 132 -33.47 -49.34 -4.56
CA GLN D 132 -32.80 -50.39 -3.78
C GLN D 132 -31.81 -49.79 -2.78
N ASP D 133 -31.37 -50.62 -1.84
CA ASP D 133 -30.41 -50.21 -0.81
C ASP D 133 -29.02 -49.91 -1.40
N THR D 134 -28.63 -50.66 -2.44
CA THR D 134 -27.39 -50.41 -3.16
C THR D 134 -27.39 -49.05 -3.87
N ASP D 135 -28.53 -48.69 -4.45
CA ASP D 135 -28.70 -47.39 -5.11
C ASP D 135 -28.69 -46.23 -4.09
N MET D 136 -29.27 -46.46 -2.91
CA MET D 136 -29.33 -45.44 -1.86
C MET D 136 -27.94 -45.13 -1.27
N PHE D 137 -27.18 -46.17 -0.95
CA PHE D 137 -25.81 -46.01 -0.42
C PHE D 137 -24.87 -45.33 -1.43
N ILE D 138 -24.98 -45.71 -2.69
CA ILE D 138 -24.20 -45.09 -3.78
C ILE D 138 -24.61 -43.62 -4.01
N THR D 139 -25.91 -43.32 -3.88
CA THR D 139 -26.42 -41.95 -4.08
C THR D 139 -25.91 -41.00 -2.99
N MET D 140 -26.09 -41.37 -1.72
CA MET D 140 -25.60 -40.57 -0.60
C MET D 140 -24.07 -40.64 -0.42
N GLY D 141 -23.44 -41.68 -0.99
CA GLY D 141 -21.98 -41.80 -1.00
C GLY D 141 -21.30 -40.78 -1.87
N VAL D 142 -21.66 -40.75 -3.15
CA VAL D 142 -21.15 -39.73 -4.09
C VAL D 142 -21.72 -38.34 -3.80
N GLY D 143 -22.93 -38.29 -3.23
CA GLY D 143 -23.53 -37.03 -2.77
C GLY D 143 -22.68 -36.33 -1.73
N ALA D 144 -22.12 -37.10 -0.80
CA ALA D 144 -21.16 -36.58 0.18
C ALA D 144 -19.87 -36.09 -0.51
N ALA D 145 -19.38 -36.88 -1.47
CA ALA D 145 -18.18 -36.52 -2.25
C ALA D 145 -18.36 -35.25 -3.09
N ILE D 146 -19.57 -35.03 -3.62
CA ILE D 146 -19.89 -33.81 -4.37
C ILE D 146 -19.88 -32.58 -3.44
N LEU D 147 -20.51 -32.70 -2.27
CA LEU D 147 -20.53 -31.62 -1.27
C LEU D 147 -19.15 -31.39 -0.64
N LEU D 148 -18.42 -32.47 -0.39
CA LEU D 148 -17.08 -32.38 0.22
C LEU D 148 -16.06 -31.71 -0.71
N LEU D 149 -16.17 -31.94 -2.02
CA LEU D 149 -15.34 -31.24 -3.01
C LEU D 149 -15.68 -29.75 -3.15
N ILE D 150 -16.98 -29.42 -3.07
CA ILE D 150 -17.44 -28.02 -3.06
C ILE D 150 -16.92 -27.27 -1.82
N TRP D 151 -16.83 -27.97 -0.68
CA TRP D 151 -16.30 -27.38 0.56
C TRP D 151 -14.80 -27.12 0.49
N ILE D 152 -14.04 -28.11 0.01
CA ILE D 152 -12.57 -28.03 -0.05
C ILE D 152 -12.12 -26.92 -1.00
N PHE D 153 -12.69 -26.91 -2.21
CA PHE D 153 -12.36 -25.93 -3.25
C PHE D 153 -13.36 -24.76 -3.29
N PHE D 154 -13.91 -24.36 -2.15
CA PHE D 154 -14.97 -23.33 -2.11
C PHE D 154 -14.44 -21.98 -2.56
N LYS D 155 -13.35 -21.53 -1.93
CA LYS D 155 -12.71 -20.27 -2.28
C LYS D 155 -12.26 -20.20 -3.74
N GLN D 156 -11.82 -21.34 -4.29
CA GLN D 156 -11.34 -21.40 -5.67
C GLN D 156 -12.51 -21.42 -6.67
N LEU D 157 -13.55 -22.19 -6.33
CA LEU D 157 -14.81 -22.17 -7.10
C LEU D 157 -15.54 -20.82 -7.01
N LEU D 158 -15.37 -20.10 -5.89
CA LEU D 158 -15.95 -18.76 -5.72
C LEU D 158 -15.33 -17.75 -6.67
N ILE D 159 -14.00 -17.62 -6.60
CA ILE D 159 -13.28 -16.61 -7.39
C ILE D 159 -13.32 -16.86 -8.91
N THR D 160 -13.28 -18.13 -9.32
CA THR D 160 -13.38 -18.49 -10.73
C THR D 160 -14.79 -18.28 -11.30
N SER D 161 -15.80 -18.32 -10.43
CA SER D 161 -17.19 -18.02 -10.81
C SER D 161 -17.43 -16.52 -10.93
N PHE D 162 -17.00 -15.77 -9.92
CA PHE D 162 -17.25 -14.32 -9.84
C PHE D 162 -16.35 -13.52 -10.76
N ASP D 163 -15.04 -13.79 -10.71
CA ASP D 163 -14.04 -12.98 -11.40
C ASP D 163 -12.95 -13.87 -12.02
N GLU D 164 -13.27 -14.44 -13.18
CA GLU D 164 -12.37 -15.34 -13.90
C GLU D 164 -11.06 -14.67 -14.34
N LEU D 165 -11.14 -13.40 -14.72
CA LEU D 165 -9.98 -12.66 -15.22
C LEU D 165 -8.94 -12.39 -14.13
N LEU D 166 -9.41 -12.18 -12.89
CA LEU D 166 -8.54 -12.05 -11.74
C LEU D 166 -7.86 -13.37 -11.41
N ALA D 167 -8.64 -14.46 -11.42
CA ALA D 167 -8.12 -15.82 -11.18
C ALA D 167 -6.98 -16.19 -12.13
N LYS D 168 -7.14 -15.83 -13.41
CA LYS D 168 -6.07 -15.98 -14.40
C LYS D 168 -4.85 -15.10 -14.08
N ALA D 169 -5.09 -13.85 -13.69
CA ALA D 169 -4.01 -12.93 -13.29
C ALA D 169 -3.23 -13.35 -12.02
N MET D 170 -3.84 -14.18 -11.18
CA MET D 170 -3.18 -14.76 -9.99
C MET D 170 -2.55 -16.14 -10.25
N GLY D 171 -2.62 -16.61 -11.50
CA GLY D 171 -2.00 -17.86 -11.91
C GLY D 171 -2.72 -19.11 -11.45
N MET D 172 -4.05 -19.05 -11.40
CA MET D 172 -4.87 -20.21 -10.99
C MET D 172 -5.21 -21.07 -12.21
N PRO D 173 -5.25 -22.41 -12.03
CA PRO D 173 -5.68 -23.28 -13.12
C PRO D 173 -7.20 -23.20 -13.29
N VAL D 174 -7.64 -22.25 -14.11
CA VAL D 174 -9.07 -21.96 -14.26
C VAL D 174 -9.81 -23.13 -14.93
N ASN D 175 -9.19 -23.75 -15.93
CA ASN D 175 -9.81 -24.87 -16.64
C ASN D 175 -9.99 -26.14 -15.80
N PHE D 176 -9.14 -26.33 -14.80
CA PHE D 176 -9.33 -27.42 -13.83
C PHE D 176 -10.71 -27.32 -13.14
N TYR D 177 -11.10 -26.10 -12.79
CA TYR D 177 -12.38 -25.87 -12.10
C TYR D 177 -13.59 -25.87 -13.06
N HIS D 178 -13.37 -25.57 -14.35
CA HIS D 178 -14.39 -25.79 -15.39
C HIS D 178 -14.71 -27.27 -15.51
N TYR D 179 -13.66 -28.10 -15.63
CA TYR D 179 -13.79 -29.56 -15.71
C TYR D 179 -14.34 -30.18 -14.42
N LEU D 180 -13.82 -29.72 -13.27
CA LEU D 180 -14.26 -30.22 -11.96
C LEU D 180 -15.75 -29.98 -11.70
N LEU D 181 -16.26 -28.85 -12.18
CA LEU D 181 -17.68 -28.54 -12.07
C LEU D 181 -18.53 -29.45 -12.96
N MET D 182 -18.04 -29.72 -14.18
CA MET D 182 -18.72 -30.62 -15.12
C MET D 182 -18.70 -32.09 -14.68
N VAL D 183 -17.66 -32.50 -13.94
CA VAL D 183 -17.62 -33.83 -13.30
C VAL D 183 -18.68 -33.87 -12.19
N LEU D 184 -18.72 -32.82 -11.36
CA LEU D 184 -19.76 -32.67 -10.33
C LEU D 184 -21.17 -32.64 -10.93
N LEU D 185 -21.32 -32.02 -12.11
CA LEU D 185 -22.58 -31.95 -12.83
C LEU D 185 -23.04 -33.30 -13.42
N THR D 186 -22.11 -34.12 -13.92
CA THR D 186 -22.44 -35.46 -14.41
C THR D 186 -22.80 -36.40 -13.24
N LEU D 187 -22.01 -36.35 -12.17
CA LEU D 187 -22.24 -37.18 -10.99
C LEU D 187 -23.60 -36.92 -10.34
N VAL D 188 -23.94 -35.65 -10.15
CA VAL D 188 -25.26 -35.26 -9.62
C VAL D 188 -26.40 -35.58 -10.60
N SER D 189 -26.13 -35.45 -11.91
CA SER D 189 -27.14 -35.76 -12.95
C SER D 189 -27.55 -37.23 -12.97
N VAL D 190 -26.58 -38.12 -12.81
CA VAL D 190 -26.85 -39.56 -12.80
C VAL D 190 -27.66 -39.94 -11.56
N THR D 191 -27.33 -39.39 -10.40
CA THR D 191 -28.09 -39.62 -9.17
C THR D 191 -29.49 -39.02 -9.23
N ALA D 192 -29.61 -37.85 -9.85
CA ALA D 192 -30.89 -37.15 -9.99
C ALA D 192 -31.87 -37.79 -10.99
N MET D 193 -31.42 -38.79 -11.75
CA MET D 193 -32.33 -39.60 -12.58
C MET D 193 -33.35 -40.37 -11.74
N GLN D 194 -32.95 -40.75 -10.52
CA GLN D 194 -33.83 -41.49 -9.61
C GLN D 194 -35.02 -40.66 -9.13
N SER D 195 -34.78 -39.38 -8.85
CA SER D 195 -35.82 -38.49 -8.31
C SER D 195 -36.78 -37.96 -9.37
N VAL D 196 -36.23 -37.34 -10.41
CA VAL D 196 -37.03 -36.60 -11.40
C VAL D 196 -36.79 -37.02 -12.88
N GLY D 197 -35.94 -38.02 -13.12
CA GLY D 197 -35.64 -38.48 -14.48
C GLY D 197 -34.78 -37.52 -15.29
N THR D 198 -34.40 -37.94 -16.50
CA THR D 198 -33.51 -37.16 -17.36
C THR D 198 -34.19 -35.94 -17.98
N ILE D 199 -35.51 -36.00 -18.16
CA ILE D 199 -36.27 -34.93 -18.83
C ILE D 199 -36.39 -33.69 -17.94
N LEU D 200 -36.82 -33.88 -16.70
CA LEU D 200 -37.05 -32.77 -15.75
C LEU D 200 -35.87 -32.48 -14.81
N ILE D 201 -34.71 -33.07 -15.08
CA ILE D 201 -33.48 -32.89 -14.29
C ILE D 201 -32.97 -31.44 -14.17
N VAL D 202 -33.20 -30.63 -15.20
CA VAL D 202 -32.69 -29.26 -15.26
C VAL D 202 -33.33 -28.41 -14.17
N ALA D 203 -34.63 -28.61 -13.95
CA ALA D 203 -35.38 -27.91 -12.90
C ALA D 203 -34.77 -28.09 -11.51
N MET D 204 -34.30 -29.30 -11.19
CA MET D 204 -33.67 -29.57 -9.90
C MET D 204 -32.33 -28.85 -9.69
N LEU D 205 -31.66 -28.49 -10.78
CA LEU D 205 -30.47 -27.63 -10.71
C LEU D 205 -30.86 -26.17 -10.59
N ILE D 206 -31.56 -25.64 -11.59
CA ILE D 206 -31.78 -24.18 -11.71
C ILE D 206 -32.85 -23.58 -10.78
N THR D 207 -33.95 -24.30 -10.55
CA THR D 207 -35.10 -23.71 -9.83
C THR D 207 -34.83 -23.42 -8.33
N PRO D 208 -34.24 -24.39 -7.59
CA PRO D 208 -33.83 -24.08 -6.21
C PRO D 208 -32.74 -23.02 -6.11
N ALA D 209 -31.78 -23.06 -7.03
CA ALA D 209 -30.69 -22.07 -7.09
C ALA D 209 -31.21 -20.67 -7.43
N ALA D 210 -32.14 -20.58 -8.37
CA ALA D 210 -32.77 -19.31 -8.75
C ALA D 210 -33.60 -18.72 -7.60
N THR D 211 -34.29 -19.59 -6.86
CA THR D 211 -35.04 -19.17 -5.66
C THR D 211 -34.09 -18.63 -4.59
N ALA D 212 -33.04 -19.37 -4.30
CA ALA D 212 -32.02 -18.96 -3.32
C ALA D 212 -31.30 -17.67 -3.73
N TYR D 213 -31.13 -17.48 -5.04
CA TYR D 213 -30.47 -16.29 -5.60
C TYR D 213 -31.24 -14.98 -5.34
N LEU D 214 -32.55 -15.08 -5.15
CA LEU D 214 -33.38 -13.92 -4.78
C LEU D 214 -33.13 -13.45 -3.34
N TYR D 215 -32.82 -14.39 -2.43
CA TYR D 215 -32.53 -14.08 -1.03
C TYR D 215 -31.06 -13.87 -0.71
N ALA D 216 -30.18 -14.61 -1.38
CA ALA D 216 -28.77 -14.74 -0.98
C ALA D 216 -27.96 -13.43 -1.05
N ASN D 217 -27.13 -13.21 -0.03
CA ASN D 217 -26.14 -12.13 0.01
C ASN D 217 -24.69 -12.66 0.03
N SER D 218 -24.53 -13.97 -0.20
CA SER D 218 -23.21 -14.59 -0.37
C SER D 218 -23.37 -15.94 -1.10
N LEU D 219 -22.27 -16.44 -1.66
CA LEU D 219 -22.28 -17.76 -2.32
C LEU D 219 -22.59 -18.87 -1.30
N LYS D 220 -21.99 -18.80 -0.11
CA LYS D 220 -22.28 -19.74 0.97
C LYS D 220 -23.76 -19.71 1.36
N SER D 221 -24.31 -18.51 1.53
CA SER D 221 -25.73 -18.32 1.84
C SER D 221 -26.67 -18.85 0.74
N MET D 222 -26.25 -18.75 -0.52
CA MET D 222 -27.05 -19.27 -1.63
C MET D 222 -27.05 -20.80 -1.68
N ILE D 223 -25.92 -21.43 -1.36
CA ILE D 223 -25.79 -22.90 -1.40
C ILE D 223 -26.65 -23.57 -0.33
N PHE D 224 -26.64 -23.03 0.89
CA PHE D 224 -27.47 -23.56 1.99
C PHE D 224 -28.96 -23.41 1.70
N LEU D 225 -29.37 -22.25 1.18
CA LEU D 225 -30.76 -22.01 0.80
C LEU D 225 -31.20 -22.91 -0.35
N SER D 226 -30.42 -22.93 -1.43
CA SER D 226 -30.74 -23.71 -2.63
C SER D 226 -30.89 -25.21 -2.34
N SER D 227 -29.99 -25.75 -1.52
CA SER D 227 -30.05 -27.15 -1.11
C SER D 227 -31.29 -27.46 -0.24
N THR D 228 -31.64 -26.54 0.64
CA THR D 228 -32.84 -26.69 1.49
C THR D 228 -34.15 -26.47 0.68
N PHE D 229 -34.14 -25.51 -0.25
CA PHE D 229 -35.28 -25.34 -1.18
C PHE D 229 -35.47 -26.57 -2.09
N GLY D 230 -34.36 -27.17 -2.52
CA GLY D 230 -34.40 -28.40 -3.30
C GLY D 230 -34.85 -29.62 -2.49
N ALA D 231 -34.36 -29.71 -1.25
CA ALA D 231 -34.75 -30.79 -0.35
C ALA D 231 -36.21 -30.70 0.10
N THR D 232 -36.63 -29.51 0.52
CA THR D 232 -38.01 -29.28 0.97
C THR D 232 -39.03 -29.48 -0.16
N ALA D 233 -38.69 -29.01 -1.37
CA ALA D 233 -39.54 -29.23 -2.54
C ALA D 233 -39.64 -30.72 -2.91
N SER D 234 -38.53 -31.44 -2.82
CA SER D 234 -38.52 -32.88 -3.13
C SER D 234 -39.20 -33.74 -2.05
N VAL D 235 -39.19 -33.29 -0.80
CA VAL D 235 -39.95 -33.95 0.29
C VAL D 235 -41.45 -33.69 0.11
N LEU D 236 -41.81 -32.43 -0.11
CA LEU D 236 -43.21 -32.04 -0.34
C LEU D 236 -43.76 -32.63 -1.65
N GLY D 237 -42.89 -32.73 -2.66
CA GLY D 237 -43.24 -33.35 -3.94
C GLY D 237 -43.45 -34.86 -3.89
N LEU D 238 -42.74 -35.54 -2.99
CA LEU D 238 -42.93 -36.98 -2.75
C LEU D 238 -44.25 -37.24 -2.03
N PHE D 239 -44.55 -36.43 -1.01
CA PHE D 239 -45.80 -36.49 -0.25
C PHE D 239 -47.02 -36.27 -1.16
N ILE D 240 -47.00 -35.18 -1.93
CA ILE D 240 -48.10 -34.84 -2.84
C ILE D 240 -48.21 -35.82 -4.02
N GLY D 241 -47.08 -36.40 -4.44
CA GLY D 241 -47.06 -37.41 -5.50
C GLY D 241 -47.62 -38.75 -5.06
N TYR D 242 -47.26 -39.19 -3.86
CA TYR D 242 -47.69 -40.49 -3.32
C TYR D 242 -49.18 -40.49 -2.95
N SER D 243 -49.62 -39.49 -2.20
CA SER D 243 -50.99 -39.45 -1.66
C SER D 243 -52.06 -39.28 -2.74
N PHE D 244 -51.88 -38.30 -3.62
CA PHE D 244 -52.82 -38.05 -4.73
C PHE D 244 -52.67 -39.00 -5.92
N ASN D 245 -51.58 -39.78 -5.95
CA ASN D 245 -51.28 -40.75 -7.02
C ASN D 245 -51.11 -40.03 -8.37
N VAL D 246 -50.03 -39.27 -8.46
CA VAL D 246 -49.64 -38.53 -9.67
C VAL D 246 -48.14 -38.71 -9.88
N ALA D 247 -47.63 -38.18 -11.00
CA ALA D 247 -46.20 -38.25 -11.33
C ALA D 247 -45.34 -37.63 -10.22
N ALA D 248 -44.38 -38.40 -9.72
CA ALA D 248 -43.53 -37.99 -8.59
C ALA D 248 -42.58 -36.87 -8.98
N GLY D 249 -41.85 -37.06 -10.09
CA GLY D 249 -40.88 -36.09 -10.58
C GLY D 249 -41.48 -34.74 -10.92
N SER D 250 -42.59 -34.74 -11.67
CA SER D 250 -43.26 -33.51 -12.08
C SER D 250 -43.81 -32.69 -10.92
N SER D 251 -44.28 -33.36 -9.88
CA SER D 251 -44.74 -32.70 -8.65
C SER D 251 -43.61 -32.03 -7.89
N ILE D 252 -42.44 -32.68 -7.87
CA ILE D 252 -41.24 -32.14 -7.22
C ILE D 252 -40.76 -30.87 -7.95
N VAL D 253 -40.88 -30.83 -9.27
CA VAL D 253 -40.56 -29.63 -10.07
C VAL D 253 -41.62 -28.54 -9.91
N LEU D 254 -42.89 -28.93 -9.89
CA LEU D 254 -44.00 -27.98 -9.86
C LEU D 254 -44.13 -27.28 -8.51
N THR D 255 -43.86 -28.01 -7.41
CA THR D 255 -43.77 -27.39 -6.07
C THR D 255 -42.53 -26.50 -5.90
N ALA D 256 -41.43 -26.83 -6.59
CA ALA D 256 -40.23 -25.98 -6.61
C ALA D 256 -40.48 -24.68 -7.38
N ALA D 257 -41.26 -24.76 -8.46
CA ALA D 257 -41.64 -23.58 -9.24
C ALA D 257 -42.54 -22.63 -8.46
N SER D 258 -43.43 -23.18 -7.63
CA SER D 258 -44.27 -22.38 -6.74
C SER D 258 -43.47 -21.75 -5.60
N PHE D 259 -42.43 -22.46 -5.13
CA PHE D 259 -41.45 -21.91 -4.17
C PHE D 259 -40.76 -20.66 -4.74
N PHE D 260 -40.33 -20.76 -6.00
CA PHE D 260 -39.77 -19.62 -6.73
C PHE D 260 -40.79 -18.50 -6.92
N LEU D 261 -42.01 -18.87 -7.32
CA LEU D 261 -43.09 -17.92 -7.57
C LEU D 261 -43.53 -17.15 -6.31
N ILE D 262 -43.61 -17.86 -5.19
CA ILE D 262 -43.89 -17.23 -3.89
C ILE D 262 -42.72 -16.33 -3.48
N SER D 263 -41.51 -16.86 -3.59
CA SER D 263 -40.29 -16.10 -3.26
C SER D 263 -40.06 -14.86 -4.14
N PHE D 264 -40.55 -14.88 -5.37
CA PHE D 264 -40.43 -13.75 -6.29
C PHE D 264 -41.09 -12.47 -5.76
N PHE D 265 -42.15 -12.62 -4.97
CA PHE D 265 -42.83 -11.49 -4.32
C PHE D 265 -42.37 -11.26 -2.88
N ILE D 266 -42.20 -12.34 -2.12
CA ILE D 266 -41.85 -12.26 -0.68
C ILE D 266 -40.41 -11.81 -0.40
N ALA D 267 -39.46 -12.15 -1.28
CA ALA D 267 -38.04 -11.80 -1.10
C ALA D 267 -37.86 -10.31 -0.77
N PRO D 268 -37.27 -9.98 0.41
CA PRO D 268 -37.03 -8.58 0.81
C PRO D 268 -36.28 -7.72 -0.21
N LYS D 269 -35.35 -8.34 -0.96
CA LYS D 269 -34.59 -7.64 -2.00
C LYS D 269 -35.40 -7.18 -3.23
N GLN D 270 -36.68 -7.57 -3.31
CA GLN D 270 -37.63 -6.99 -4.27
C GLN D 270 -39.04 -6.90 -3.70
#